data_2OI5
#
_entry.id   2OI5
#
_cell.length_a   102.487
_cell.length_b   102.487
_cell.length_c   644.426
_cell.angle_alpha   90.00
_cell.angle_beta   90.00
_cell.angle_gamma   120.00
#
_symmetry.space_group_name_H-M   'H 3 2'
#
loop_
_entity.id
_entity.type
_entity.pdbx_description
1 polymer 'Bifunctional protein glmU'
2 non-polymer 'MAGNESIUM ION'
3 non-polymer 'SULFATE ION'
4 non-polymer 'ACETYL COENZYME *A'
5 non-polymer URIDINE-DIPHOSPHATE-N-ACETYLGLUCOSAMINE
6 water water
#
_entity_poly.entity_id   1
_entity_poly.type   'polypeptide(L)'
_entity_poly.pdbx_seq_one_letter_code
;MLNNAMSVVILAAGKGTRMYSDLPKVLHTLAGKAMVQHVIDAANELGAAHVHLVYGHGGDLLKQALKDDNLNWVLQAEQL
GTGHAMQQAAPFFADDEDILMLYGDVPLISVETLQRLRDAKPQGGIGLLTVKLDDPTGYGRITRENGKVTGIVEHKDATD
EQRQIQEINTGILIANGADMKRWLAKLTNNNAQGEYYITDIIALAYQEGREIVAVHPQRLSEVEGVNNRLQLSRLERVYQ
SEQAEKLLLAGVMLRDPARFDLRGTLTHGRDVEIDTNVIIEGNVTLGHRVKIGTGCVIKNSVIGDDCEISPYTVVEDANL
AAACTIGPFARLRPGAELLEGAHVGNFVEMKKARLGKGSKAGHLTYLGDAEIGDNVNIGAGTITCNYDGANKFKTIIGDD
VFVGSDTQLVAPVTVGKGATIAAGTTVTRNVGENALAISRVPQTQKEGWRRPVKKK
;
_entity_poly.pdbx_strand_id   A,B
#
loop_
_chem_comp.id
_chem_comp.type
_chem_comp.name
_chem_comp.formula
ACO non-polymer 'ACETYL COENZYME *A' 'C23 H38 N7 O17 P3 S'
MG non-polymer 'MAGNESIUM ION' 'Mg 2'
SO4 non-polymer 'SULFATE ION' 'O4 S -2'
UD1 non-polymer URIDINE-DIPHOSPHATE-N-ACETYLGLUCOSAMINE 'C17 H27 N3 O17 P2'
#
# COMPACT_ATOMS: atom_id res chain seq x y z
N ASN A 4 0.18 33.64 -68.91
CA ASN A 4 0.38 32.27 -69.49
C ASN A 4 1.22 31.39 -68.56
N ALA A 5 1.47 30.15 -68.98
CA ALA A 5 2.22 29.20 -68.17
C ALA A 5 3.69 29.57 -68.02
N MET A 6 4.23 29.26 -66.82
CA MET A 6 5.60 29.59 -66.51
C MET A 6 6.23 28.64 -65.50
N SER A 7 7.45 28.19 -65.79
CA SER A 7 8.18 27.36 -64.85
C SER A 7 9.48 28.07 -64.51
N VAL A 8 10.06 27.71 -63.37
CA VAL A 8 11.28 28.35 -62.93
C VAL A 8 12.45 27.36 -62.81
N VAL A 9 13.64 27.84 -63.15
CA VAL A 9 14.84 27.00 -63.03
C VAL A 9 15.77 27.75 -62.07
N ILE A 10 16.22 27.06 -61.03
CA ILE A 10 17.12 27.62 -60.05
C ILE A 10 18.48 26.95 -60.17
N LEU A 11 19.52 27.72 -60.52
CA LEU A 11 20.85 27.13 -60.63
C LEU A 11 21.49 27.19 -59.25
N ALA A 12 21.75 26.03 -58.67
CA ALA A 12 22.39 25.96 -57.37
C ALA A 12 23.52 24.92 -57.35
N ALA A 13 24.22 24.77 -58.47
CA ALA A 13 25.26 23.72 -58.56
C ALA A 13 26.68 24.20 -58.42
N GLY A 14 26.85 25.50 -58.24
CA GLY A 14 28.20 26.03 -58.04
C GLY A 14 28.77 25.56 -56.71
N LYS A 15 30.07 25.79 -56.50
CA LYS A 15 30.69 25.38 -55.23
C LYS A 15 30.90 26.58 -54.28
N GLY A 16 30.43 26.41 -53.04
CA GLY A 16 30.57 27.45 -52.02
C GLY A 16 31.82 27.29 -51.18
N THR A 17 32.98 27.43 -51.82
CA THR A 17 34.27 27.29 -51.14
C THR A 17 34.56 28.23 -49.99
N ARG A 18 34.43 29.53 -50.23
CA ARG A 18 34.68 30.51 -49.17
C ARG A 18 33.68 30.53 -47.98
N MET A 19 33.00 29.41 -47.74
CA MET A 19 32.05 29.31 -46.65
C MET A 19 32.67 28.51 -45.52
N TYR A 20 33.66 27.66 -45.85
CA TYR A 20 34.30 26.81 -44.83
C TYR A 20 33.20 26.02 -44.12
N SER A 21 32.40 25.32 -44.91
CA SER A 21 31.29 24.59 -44.31
C SER A 21 31.18 23.16 -44.83
N ASP A 22 30.59 22.29 -44.02
CA ASP A 22 30.28 20.94 -44.47
C ASP A 22 28.80 20.92 -44.93
N LEU A 23 28.14 22.08 -44.82
CA LEU A 23 26.77 22.17 -45.29
C LEU A 23 26.72 22.95 -46.64
N PRO A 24 26.12 22.39 -47.72
CA PRO A 24 26.05 23.10 -49.00
C PRO A 24 25.64 24.56 -48.79
N LYS A 25 26.35 25.46 -49.47
CA LYS A 25 26.11 26.89 -49.37
C LYS A 25 24.65 27.33 -49.37
N VAL A 26 23.86 26.92 -50.38
CA VAL A 26 22.46 27.35 -50.49
C VAL A 26 21.55 26.89 -49.35
N LEU A 27 22.08 26.04 -48.49
CA LEU A 27 21.32 25.57 -47.35
C LEU A 27 21.55 26.45 -46.11
N HIS A 28 22.57 27.33 -46.16
CA HIS A 28 22.76 28.25 -45.02
C HIS A 28 21.55 29.19 -44.92
N THR A 29 21.15 29.44 -43.70
CA THR A 29 19.92 30.19 -43.50
C THR A 29 20.01 31.68 -43.45
N LEU A 30 18.90 32.30 -43.81
CA LEU A 30 18.73 33.73 -43.74
C LEU A 30 17.33 33.83 -43.14
N ALA A 31 17.22 34.52 -42.01
CA ALA A 31 15.95 34.65 -41.30
C ALA A 31 15.34 33.28 -40.96
N GLY A 32 16.19 32.36 -40.51
CA GLY A 32 15.66 31.04 -40.19
C GLY A 32 15.20 30.14 -41.39
N LYS A 33 15.57 30.50 -42.60
CA LYS A 33 15.20 29.68 -43.74
C LYS A 33 16.36 29.56 -44.75
N ALA A 34 16.56 28.36 -45.30
CA ALA A 34 17.61 28.16 -46.32
C ALA A 34 17.51 29.22 -47.41
N MET A 35 18.66 29.75 -47.74
CA MET A 35 18.75 30.72 -48.80
C MET A 35 17.97 30.21 -50.02
N VAL A 36 18.19 28.95 -50.43
CA VAL A 36 17.53 28.43 -51.62
C VAL A 36 16.02 28.29 -51.46
N GLN A 37 15.57 28.15 -50.21
CA GLN A 37 14.15 28.06 -49.92
C GLN A 37 13.50 29.46 -50.18
N HIS A 38 14.25 30.51 -49.87
CA HIS A 38 13.76 31.88 -50.18
C HIS A 38 13.49 32.00 -51.72
N VAL A 39 14.40 31.43 -52.50
CA VAL A 39 14.27 31.50 -53.96
C VAL A 39 13.11 30.67 -54.46
N ILE A 40 12.93 29.51 -53.84
CA ILE A 40 11.86 28.59 -54.20
C ILE A 40 10.53 29.24 -53.87
N ASP A 41 10.45 29.90 -52.71
CA ASP A 41 9.22 30.57 -52.28
C ASP A 41 8.89 31.68 -53.27
N ALA A 42 9.93 32.39 -53.73
CA ALA A 42 9.70 33.43 -54.72
C ALA A 42 9.12 32.82 -56.00
N ALA A 43 9.73 31.74 -56.47
CA ALA A 43 9.22 31.09 -57.68
C ALA A 43 7.74 30.72 -57.57
N ASN A 44 7.38 30.04 -56.48
CA ASN A 44 6.01 29.61 -56.29
C ASN A 44 5.05 30.78 -56.12
N GLU A 45 5.51 31.79 -55.40
CA GLU A 45 4.73 32.98 -55.17
C GLU A 45 4.44 33.68 -56.50
N LEU A 46 5.36 33.55 -57.45
CA LEU A 46 5.17 34.19 -58.77
C LEU A 46 4.18 33.37 -59.63
N GLY A 47 3.92 32.13 -59.25
CA GLY A 47 3.02 31.29 -60.02
C GLY A 47 3.69 30.13 -60.77
N ALA A 48 4.91 29.76 -60.40
CA ALA A 48 5.59 28.67 -61.13
C ALA A 48 4.83 27.36 -61.12
N ALA A 49 4.68 26.75 -62.29
CA ALA A 49 4.06 25.42 -62.40
C ALA A 49 5.12 24.41 -61.88
N HIS A 50 6.34 24.49 -62.40
CA HIS A 50 7.37 23.57 -61.93
C HIS A 50 8.60 24.34 -61.55
N VAL A 51 9.31 23.87 -60.53
CA VAL A 51 10.55 24.50 -60.15
C VAL A 51 11.69 23.48 -60.32
N HIS A 52 12.56 23.76 -61.28
CA HIS A 52 13.68 22.90 -61.57
C HIS A 52 14.87 23.38 -60.74
N LEU A 53 15.41 22.47 -59.93
CA LEU A 53 16.54 22.76 -59.07
C LEU A 53 17.81 22.02 -59.61
N VAL A 54 18.76 22.78 -60.09
CA VAL A 54 19.96 22.19 -60.64
C VAL A 54 20.99 22.17 -59.55
N TYR A 55 21.44 20.98 -59.16
CA TYR A 55 22.46 20.84 -58.11
C TYR A 55 23.63 19.97 -58.58
N GLY A 56 24.76 20.09 -57.89
CA GLY A 56 25.96 19.33 -58.22
C GLY A 56 26.35 18.35 -57.13
N HIS A 57 26.13 18.72 -55.86
CA HIS A 57 26.46 17.81 -54.75
C HIS A 57 25.73 18.25 -53.50
N GLY A 58 25.80 17.41 -52.45
CA GLY A 58 25.11 17.68 -51.21
C GLY A 58 23.66 17.33 -51.43
N GLY A 59 23.41 16.56 -52.48
CA GLY A 59 22.06 16.16 -52.82
C GLY A 59 21.29 15.55 -51.69
N ASP A 60 21.92 14.71 -50.88
CA ASP A 60 21.21 14.11 -49.74
C ASP A 60 20.73 15.24 -48.78
N LEU A 61 21.65 16.08 -48.33
CA LEU A 61 21.31 17.21 -47.49
C LEU A 61 20.23 18.11 -48.13
N LEU A 62 20.39 18.46 -49.41
CA LEU A 62 19.40 19.32 -50.10
C LEU A 62 18.00 18.67 -50.06
N LYS A 63 17.94 17.40 -50.44
CA LYS A 63 16.67 16.64 -50.45
C LYS A 63 16.06 16.55 -49.04
N GLN A 64 16.89 16.45 -48.02
CA GLN A 64 16.37 16.42 -46.65
C GLN A 64 15.77 17.76 -46.26
N ALA A 65 16.45 18.84 -46.65
CA ALA A 65 15.97 20.18 -46.32
C ALA A 65 14.86 20.70 -47.18
N LEU A 66 14.90 20.40 -48.48
CA LEU A 66 13.92 20.91 -49.43
C LEU A 66 12.87 19.88 -49.82
N LYS A 67 11.61 20.19 -49.57
CA LYS A 67 10.59 19.21 -49.89
C LYS A 67 9.36 19.81 -50.52
N ASP A 68 9.55 20.78 -51.38
CA ASP A 68 8.40 21.38 -52.05
C ASP A 68 7.92 20.40 -53.12
N ASP A 69 6.60 20.19 -53.15
CA ASP A 69 5.98 19.24 -54.06
C ASP A 69 6.32 19.39 -55.55
N ASN A 70 6.32 20.63 -56.04
CA ASN A 70 6.59 20.89 -57.45
C ASN A 70 8.05 21.04 -57.83
N LEU A 71 8.95 20.42 -57.03
CA LEU A 71 10.40 20.44 -57.31
C LEU A 71 10.89 19.33 -58.24
N ASN A 72 11.57 19.71 -59.32
CA ASN A 72 12.11 18.72 -60.22
C ASN A 72 13.63 18.82 -60.06
N TRP A 73 14.23 17.78 -59.48
CA TRP A 73 15.66 17.76 -59.23
C TRP A 73 16.45 17.43 -60.48
N VAL A 74 17.40 18.32 -60.81
CA VAL A 74 18.19 18.17 -62.01
C VAL A 74 19.66 18.17 -61.63
N LEU A 75 20.36 17.12 -62.05
CA LEU A 75 21.75 17.02 -61.71
C LEU A 75 22.63 17.68 -62.73
N GLN A 76 23.69 18.33 -62.25
CA GLN A 76 24.71 18.91 -63.11
C GLN A 76 26.00 18.42 -62.41
N ALA A 77 26.49 17.25 -62.83
CA ALA A 77 27.68 16.61 -62.24
C ALA A 77 28.92 17.49 -62.36
N GLU A 78 29.17 18.05 -63.54
CA GLU A 78 30.32 18.91 -63.75
C GLU A 78 29.80 20.33 -63.95
N GLN A 79 30.43 21.29 -63.27
CA GLN A 79 30.03 22.69 -63.36
C GLN A 79 30.76 23.34 -64.52
N LEU A 80 30.23 23.13 -65.71
CA LEU A 80 30.85 23.69 -66.90
C LEU A 80 30.28 25.02 -67.33
N GLY A 81 29.58 25.70 -66.42
CA GLY A 81 29.03 27.02 -66.71
C GLY A 81 27.50 27.08 -66.67
N THR A 82 27.00 28.27 -66.39
CA THR A 82 25.56 28.48 -66.30
C THR A 82 24.84 27.94 -67.52
N GLY A 83 25.50 27.99 -68.68
CA GLY A 83 24.88 27.52 -69.90
C GLY A 83 24.69 26.02 -69.90
N HIS A 84 25.73 25.36 -69.42
CA HIS A 84 25.76 23.90 -69.31
C HIS A 84 24.71 23.48 -68.26
N ALA A 85 24.64 24.25 -67.16
CA ALA A 85 23.65 23.96 -66.12
C ALA A 85 22.22 24.02 -66.73
N MET A 86 21.92 25.06 -67.49
CA MET A 86 20.58 25.19 -68.09
C MET A 86 20.30 24.04 -69.09
N GLN A 87 21.34 23.57 -69.76
CA GLN A 87 21.18 22.46 -70.71
C GLN A 87 20.73 21.21 -69.99
N GLN A 88 21.18 21.05 -68.75
CA GLN A 88 20.76 19.89 -68.00
C GLN A 88 19.26 19.96 -67.68
N ALA A 89 18.72 21.18 -67.50
CA ALA A 89 17.29 21.27 -67.20
C ALA A 89 16.40 21.39 -68.41
N ALA A 90 16.94 21.93 -69.53
CA ALA A 90 16.21 22.19 -70.78
C ALA A 90 15.23 21.08 -71.25
N PRO A 91 15.67 19.80 -71.28
CA PRO A 91 14.77 18.71 -71.72
C PRO A 91 13.42 18.75 -70.98
N PHE A 92 13.39 19.27 -69.76
CA PHE A 92 12.14 19.38 -68.99
C PHE A 92 11.27 20.62 -69.20
N PHE A 93 11.76 21.60 -69.97
CA PHE A 93 10.99 22.81 -70.29
C PHE A 93 9.85 22.46 -71.28
N ALA A 94 8.67 23.04 -71.09
CA ALA A 94 7.55 22.85 -72.01
C ALA A 94 7.72 23.88 -73.13
N ASP A 95 7.51 23.44 -74.38
CA ASP A 95 7.61 24.33 -75.53
C ASP A 95 6.66 25.52 -75.42
N ASP A 96 5.57 25.40 -74.66
CA ASP A 96 4.62 26.51 -74.58
C ASP A 96 4.58 27.28 -73.26
N GLU A 97 5.63 27.18 -72.47
CA GLU A 97 5.66 27.91 -71.19
C GLU A 97 6.85 28.85 -71.13
N ASP A 98 6.75 29.86 -70.28
CA ASP A 98 7.88 30.76 -70.11
C ASP A 98 8.81 30.07 -69.14
N ILE A 99 10.11 30.30 -69.28
CA ILE A 99 11.13 29.74 -68.39
C ILE A 99 11.91 30.89 -67.75
N LEU A 100 11.82 30.97 -66.42
CA LEU A 100 12.47 32.01 -65.64
C LEU A 100 13.64 31.39 -64.95
N MET A 101 14.80 32.01 -65.10
CA MET A 101 16.01 31.50 -64.51
C MET A 101 16.39 32.33 -63.31
N LEU A 102 16.64 31.66 -62.18
CA LEU A 102 17.07 32.29 -60.95
C LEU A 102 18.29 31.56 -60.37
N TYR A 103 18.98 32.25 -59.48
CA TYR A 103 20.15 31.71 -58.79
C TYR A 103 19.74 31.24 -57.39
N GLY A 104 20.30 30.11 -56.94
CA GLY A 104 19.96 29.63 -55.63
C GLY A 104 20.63 30.39 -54.49
N ASP A 105 21.61 31.24 -54.77
CA ASP A 105 22.29 31.98 -53.72
C ASP A 105 22.02 33.52 -53.81
N VAL A 106 20.82 33.91 -54.28
CA VAL A 106 20.43 35.33 -54.43
C VAL A 106 19.04 35.30 -53.79
N PRO A 107 19.02 35.20 -52.47
CA PRO A 107 17.82 35.10 -51.65
C PRO A 107 16.81 36.22 -51.56
N LEU A 108 17.20 37.46 -51.87
CA LEU A 108 16.23 38.56 -51.72
C LEU A 108 15.49 39.00 -52.93
N ILE A 109 15.65 38.28 -54.03
CA ILE A 109 14.90 38.67 -55.27
C ILE A 109 13.40 38.80 -54.93
N SER A 110 12.78 39.92 -55.27
CA SER A 110 11.36 40.09 -54.93
C SER A 110 10.42 39.66 -56.03
N VAL A 111 9.30 39.10 -55.62
CA VAL A 111 8.30 38.69 -56.61
C VAL A 111 7.81 39.87 -57.47
N GLU A 112 7.73 41.06 -56.88
CA GLU A 112 7.26 42.24 -57.61
C GLU A 112 8.16 42.54 -58.83
N THR A 113 9.47 42.50 -58.61
CA THR A 113 10.43 42.71 -59.68
C THR A 113 10.35 41.58 -60.73
N LEU A 114 10.20 40.34 -60.28
CA LEU A 114 10.09 39.22 -61.23
C LEU A 114 8.83 39.37 -62.09
N GLN A 115 7.76 39.85 -61.46
CA GLN A 115 6.50 40.06 -62.16
C GLN A 115 6.69 41.19 -63.19
N ARG A 116 7.39 42.27 -62.82
CA ARG A 116 7.64 43.30 -63.80
C ARG A 116 8.46 42.72 -64.95
N LEU A 117 9.41 41.83 -64.64
CA LEU A 117 10.25 41.23 -65.67
C LEU A 117 9.41 40.38 -66.59
N ARG A 118 8.50 39.59 -66.03
CA ARG A 118 7.64 38.79 -66.87
C ARG A 118 6.85 39.66 -67.84
N ASP A 119 6.31 40.76 -67.32
CA ASP A 119 5.49 41.64 -68.14
C ASP A 119 6.25 42.33 -69.26
N ALA A 120 7.55 42.55 -69.07
CA ALA A 120 8.36 43.22 -70.08
C ALA A 120 8.81 42.26 -71.19
N LYS A 121 8.74 40.96 -70.90
CA LYS A 121 9.22 40.03 -71.88
C LYS A 121 8.37 40.14 -73.13
N PRO A 122 8.99 40.37 -74.30
CA PRO A 122 8.27 40.48 -75.57
C PRO A 122 7.95 39.11 -76.14
N GLN A 123 6.88 39.03 -76.90
CA GLN A 123 6.46 37.79 -77.55
C GLN A 123 7.65 37.24 -78.32
N GLY A 124 7.95 35.96 -78.14
CA GLY A 124 9.08 35.36 -78.81
C GLY A 124 10.46 35.96 -78.45
N GLY A 125 10.49 36.89 -77.48
CA GLY A 125 11.78 37.43 -77.06
C GLY A 125 12.32 37.04 -75.66
N ILE A 126 13.03 37.96 -75.04
CA ILE A 126 13.65 37.68 -73.76
C ILE A 126 13.54 38.84 -72.82
N GLY A 127 13.15 38.54 -71.58
CA GLY A 127 13.08 39.59 -70.58
C GLY A 127 14.36 39.45 -69.79
N LEU A 128 15.12 40.53 -69.64
CA LEU A 128 16.38 40.52 -68.91
C LEU A 128 16.42 41.50 -67.73
N LEU A 129 16.99 41.04 -66.61
CA LEU A 129 17.10 41.90 -65.44
C LEU A 129 18.51 42.47 -65.31
N THR A 130 18.66 43.78 -65.46
CA THR A 130 19.97 44.43 -65.39
C THR A 130 20.05 45.54 -64.34
N VAL A 131 21.26 45.94 -63.99
CA VAL A 131 21.45 46.97 -63.01
C VAL A 131 22.69 47.74 -63.35
N LYS A 132 22.68 49.05 -63.05
CA LYS A 132 23.84 49.89 -63.31
C LYS A 132 24.61 50.01 -61.98
N LEU A 133 25.86 49.57 -61.97
CA LEU A 133 26.71 49.63 -60.78
C LEU A 133 27.84 50.66 -60.98
N ASP A 134 28.29 51.28 -59.90
CA ASP A 134 29.39 52.27 -59.97
C ASP A 134 30.66 51.53 -60.41
N ASP A 135 30.85 50.33 -59.89
CA ASP A 135 31.97 49.51 -60.27
C ASP A 135 31.39 48.17 -60.76
N PRO A 136 31.31 48.00 -62.10
CA PRO A 136 30.77 46.78 -62.73
C PRO A 136 31.77 45.65 -62.83
N THR A 137 32.93 45.83 -62.21
CA THR A 137 33.95 44.78 -62.26
C THR A 137 33.47 43.35 -61.94
N GLY A 138 33.80 42.41 -62.82
CA GLY A 138 33.46 41.01 -62.60
C GLY A 138 32.11 40.55 -63.09
N TYR A 139 31.28 41.48 -63.56
CA TYR A 139 29.98 41.08 -64.04
C TYR A 139 29.81 41.17 -65.57
N GLY A 140 28.82 40.44 -66.10
CA GLY A 140 28.50 40.52 -67.54
C GLY A 140 28.03 41.93 -67.94
N ARG A 141 28.60 42.44 -69.02
CA ARG A 141 28.27 43.79 -69.51
C ARG A 141 27.17 43.72 -70.57
N ILE A 142 26.16 44.58 -70.46
CA ILE A 142 25.09 44.63 -71.42
C ILE A 142 25.49 45.51 -72.63
N THR A 143 25.42 44.97 -73.85
CA THR A 143 25.75 45.75 -75.02
C THR A 143 24.42 46.12 -75.66
N ARG A 144 24.39 47.34 -76.21
CA ARG A 144 23.21 47.86 -76.88
C ARG A 144 23.55 48.46 -78.26
N GLU A 145 22.55 48.42 -79.15
CA GLU A 145 22.62 48.99 -80.49
C GLU A 145 21.35 49.81 -80.69
N ASN A 146 21.53 51.13 -80.81
CA ASN A 146 20.42 52.04 -80.96
C ASN A 146 19.43 51.89 -79.80
N GLY A 147 19.96 51.74 -78.59
CA GLY A 147 19.14 51.58 -77.41
C GLY A 147 18.65 50.17 -77.10
N LYS A 148 18.77 49.25 -78.04
CA LYS A 148 18.28 47.90 -77.82
C LYS A 148 19.36 46.94 -77.36
N VAL A 149 19.01 46.09 -76.41
CA VAL A 149 19.96 45.10 -75.89
C VAL A 149 20.29 44.11 -77.01
N THR A 150 21.57 43.90 -77.26
CA THR A 150 21.96 42.97 -78.33
C THR A 150 22.82 41.82 -77.82
N GLY A 151 23.32 41.95 -76.60
CA GLY A 151 24.09 40.84 -76.06
C GLY A 151 24.67 41.08 -74.70
N ILE A 152 25.46 40.13 -74.23
CA ILE A 152 26.10 40.24 -72.93
C ILE A 152 27.53 39.81 -73.12
N VAL A 153 28.46 40.58 -72.59
CA VAL A 153 29.88 40.18 -72.69
C VAL A 153 30.41 40.01 -71.27
N GLU A 154 30.92 38.83 -70.98
CA GLU A 154 31.49 38.54 -69.65
C GLU A 154 32.73 39.35 -69.39
N HIS A 155 32.93 39.74 -68.13
CA HIS A 155 34.08 40.59 -67.72
C HIS A 155 35.41 40.09 -68.30
N LYS A 156 35.70 38.81 -68.12
CA LYS A 156 36.94 38.22 -68.61
C LYS A 156 37.11 38.35 -70.13
N ASP A 157 36.02 38.24 -70.88
CA ASP A 157 36.06 38.35 -72.35
C ASP A 157 35.98 39.80 -72.87
N ALA A 158 35.58 40.71 -72.00
CA ALA A 158 35.42 42.11 -72.35
C ALA A 158 36.71 42.90 -72.45
N THR A 159 36.78 43.78 -73.44
CA THR A 159 37.94 44.66 -73.64
C THR A 159 37.84 45.74 -72.60
N ASP A 160 38.92 46.53 -72.44
CA ASP A 160 38.91 47.61 -71.46
C ASP A 160 37.77 48.60 -71.72
N GLU A 161 37.50 48.90 -72.98
CA GLU A 161 36.47 49.86 -73.29
C GLU A 161 35.10 49.30 -72.95
N GLN A 162 34.90 48.02 -73.26
CA GLN A 162 33.63 47.38 -72.92
C GLN A 162 33.47 47.33 -71.37
N ARG A 163 34.57 47.18 -70.64
CA ARG A 163 34.48 47.17 -69.20
C ARG A 163 34.03 48.52 -68.59
N GLN A 164 33.92 49.54 -69.45
CA GLN A 164 33.44 50.85 -69.01
C GLN A 164 31.90 50.80 -68.88
N ILE A 165 31.26 49.88 -69.60
CA ILE A 165 29.80 49.76 -69.55
C ILE A 165 29.40 49.51 -68.09
N GLN A 166 28.48 50.30 -67.55
CA GLN A 166 28.11 50.09 -66.14
C GLN A 166 26.84 49.27 -65.94
N GLU A 167 26.08 49.08 -67.01
CA GLU A 167 24.85 48.30 -66.91
C GLU A 167 25.31 46.83 -66.98
N ILE A 168 25.05 46.08 -65.91
CA ILE A 168 25.47 44.70 -65.89
C ILE A 168 24.32 43.71 -65.74
N ASN A 169 24.60 42.46 -66.05
CA ASN A 169 23.65 41.36 -66.00
C ASN A 169 23.52 40.85 -64.56
N THR A 170 22.29 40.80 -64.06
CA THR A 170 22.05 40.31 -62.70
C THR A 170 22.05 38.81 -62.78
N GLY A 171 21.85 38.29 -63.99
CA GLY A 171 21.81 36.85 -64.16
C GLY A 171 20.39 36.33 -64.38
N ILE A 172 19.41 37.11 -63.93
CA ILE A 172 18.02 36.72 -64.04
C ILE A 172 17.44 37.08 -65.39
N LEU A 173 16.78 36.13 -66.00
CA LEU A 173 16.16 36.35 -67.31
C LEU A 173 15.01 35.37 -67.52
N ILE A 174 14.15 35.69 -68.49
CA ILE A 174 13.02 34.84 -68.79
C ILE A 174 12.77 34.76 -70.31
N ALA A 175 12.38 33.58 -70.78
CA ALA A 175 12.11 33.37 -72.21
C ALA A 175 11.28 32.12 -72.45
N ASN A 176 10.66 32.03 -73.63
CA ASN A 176 9.90 30.85 -73.96
C ASN A 176 10.75 29.57 -73.95
N GLY A 177 10.15 28.49 -73.47
CA GLY A 177 10.89 27.24 -73.38
C GLY A 177 11.41 26.67 -74.68
N ALA A 178 10.58 26.71 -75.74
CA ALA A 178 11.01 26.19 -77.05
C ALA A 178 12.19 27.03 -77.55
N ASP A 179 12.10 28.35 -77.39
CA ASP A 179 13.19 29.25 -77.83
C ASP A 179 14.47 28.95 -77.09
N MET A 180 14.34 28.72 -75.78
CA MET A 180 15.47 28.39 -74.93
C MET A 180 16.19 27.15 -75.41
N LYS A 181 15.44 26.08 -75.68
CA LYS A 181 16.05 24.83 -76.18
C LYS A 181 16.82 25.08 -77.48
N ARG A 182 16.20 25.83 -78.38
CA ARG A 182 16.84 26.17 -79.64
C ARG A 182 18.21 26.85 -79.43
N TRP A 183 18.24 27.90 -78.61
CA TRP A 183 19.49 28.61 -78.34
C TRP A 183 20.52 27.79 -77.54
N LEU A 184 20.04 27.07 -76.53
CA LEU A 184 20.92 26.28 -75.69
C LEU A 184 21.74 25.25 -76.50
N ALA A 185 21.11 24.66 -77.52
CA ALA A 185 21.81 23.68 -78.34
C ALA A 185 23.02 24.28 -79.09
N LYS A 186 22.99 25.59 -79.33
CA LYS A 186 24.06 26.21 -80.09
C LYS A 186 25.21 26.81 -79.28
N LEU A 187 25.26 26.53 -77.97
CA LEU A 187 26.31 27.11 -77.11
C LEU A 187 27.67 26.46 -77.31
N THR A 188 28.71 27.29 -77.37
CA THR A 188 30.08 26.79 -77.52
C THR A 188 30.91 27.33 -76.37
N ASN A 189 31.99 26.63 -76.03
CA ASN A 189 32.80 27.06 -74.92
C ASN A 189 34.09 27.72 -75.39
N ASN A 190 34.04 28.43 -76.52
CA ASN A 190 35.21 29.10 -77.05
C ASN A 190 35.27 30.52 -76.53
N ASN A 191 35.65 30.68 -75.27
CA ASN A 191 35.71 31.99 -74.65
C ASN A 191 36.79 31.95 -73.59
N ALA A 192 36.95 33.08 -72.90
CA ALA A 192 37.97 33.21 -71.87
C ALA A 192 37.91 32.20 -70.75
N GLN A 193 36.70 31.85 -70.32
CA GLN A 193 36.56 30.92 -69.19
C GLN A 193 36.58 29.48 -69.68
N GLY A 194 36.30 29.29 -70.96
CA GLY A 194 36.26 27.93 -71.49
C GLY A 194 35.06 27.20 -70.94
N GLU A 195 33.96 27.93 -70.76
CA GLU A 195 32.72 27.37 -70.23
C GLU A 195 31.58 27.67 -71.17
N TYR A 196 30.39 27.18 -70.83
CA TYR A 196 29.21 27.44 -71.65
C TYR A 196 28.39 28.52 -70.97
N TYR A 197 28.39 29.72 -71.57
CA TYR A 197 27.71 30.91 -71.06
C TYR A 197 26.22 30.96 -71.39
N ILE A 198 25.38 30.99 -70.35
CA ILE A 198 23.94 31.08 -70.62
C ILE A 198 23.70 32.47 -71.25
N THR A 199 24.62 33.40 -70.95
CA THR A 199 24.54 34.77 -71.44
C THR A 199 24.66 34.91 -72.96
N ASP A 200 25.18 33.86 -73.63
CA ASP A 200 25.30 33.89 -75.08
C ASP A 200 23.95 33.83 -75.74
N ILE A 201 22.90 33.46 -75.03
CA ILE A 201 21.61 33.35 -75.70
C ILE A 201 21.01 34.69 -76.04
N ILE A 202 21.56 35.72 -75.42
CA ILE A 202 21.06 37.07 -75.70
C ILE A 202 21.43 37.42 -77.13
N ALA A 203 22.72 37.29 -77.48
CA ALA A 203 23.16 37.61 -78.85
C ALA A 203 22.46 36.67 -79.86
N LEU A 204 22.30 35.41 -79.48
CA LEU A 204 21.63 34.44 -80.36
C LEU A 204 20.18 34.82 -80.67
N ALA A 205 19.50 35.37 -79.69
CA ALA A 205 18.11 35.76 -79.89
C ALA A 205 18.07 37.02 -80.79
N TYR A 206 18.98 37.94 -80.50
CA TYR A 206 18.99 39.19 -81.24
C TYR A 206 19.26 38.90 -82.72
N GLN A 207 20.16 37.95 -82.96
CA GLN A 207 20.54 37.59 -84.31
C GLN A 207 19.34 37.04 -85.05
N GLU A 208 18.42 36.39 -84.34
CA GLU A 208 17.21 35.81 -84.97
C GLU A 208 16.15 36.86 -85.22
N GLY A 209 16.41 38.09 -84.80
CA GLY A 209 15.42 39.13 -84.94
C GLY A 209 14.47 39.24 -83.73
N ARG A 210 14.74 38.48 -82.66
CA ARG A 210 13.90 38.53 -81.47
C ARG A 210 14.38 39.73 -80.65
N GLU A 211 13.49 40.34 -79.85
CA GLU A 211 13.95 41.45 -79.03
C GLU A 211 14.15 41.13 -77.54
N ILE A 212 15.17 41.76 -76.95
CA ILE A 212 15.49 41.60 -75.55
C ILE A 212 15.18 42.94 -74.90
N VAL A 213 14.44 42.91 -73.79
CA VAL A 213 14.01 44.11 -73.08
C VAL A 213 14.56 44.02 -71.72
N ALA A 214 15.11 45.10 -71.23
CA ALA A 214 15.70 45.01 -69.92
C ALA A 214 14.90 45.80 -68.94
N VAL A 215 14.73 45.27 -67.72
CA VAL A 215 14.07 45.94 -66.61
C VAL A 215 15.07 45.86 -65.42
N HIS A 216 14.94 46.79 -64.47
CA HIS A 216 15.82 46.85 -63.32
C HIS A 216 15.12 46.55 -62.00
N PRO A 217 15.87 46.10 -60.99
CA PRO A 217 15.26 45.78 -59.70
C PRO A 217 14.99 47.06 -58.92
N GLN A 218 14.17 46.96 -57.88
CA GLN A 218 13.86 48.09 -57.02
C GLN A 218 15.12 48.45 -56.17
N ARG A 219 15.81 47.43 -55.68
CA ARG A 219 16.98 47.63 -54.84
C ARG A 219 18.11 46.69 -55.26
N LEU A 220 19.36 47.13 -55.07
CA LEU A 220 20.53 46.30 -55.40
C LEU A 220 20.53 45.05 -54.54
N SER A 221 20.10 45.16 -53.29
CA SER A 221 20.07 44.02 -52.38
C SER A 221 19.27 42.83 -52.97
N GLU A 222 18.26 43.13 -53.77
CA GLU A 222 17.43 42.13 -54.45
C GLU A 222 18.22 41.15 -55.32
N VAL A 223 19.32 41.61 -55.92
CA VAL A 223 20.08 40.77 -56.81
C VAL A 223 21.47 40.44 -56.31
N GLU A 224 21.77 40.72 -55.05
CA GLU A 224 23.08 40.35 -54.51
C GLU A 224 23.23 38.86 -54.22
N GLY A 225 24.36 38.31 -54.63
CA GLY A 225 24.60 36.89 -54.43
C GLY A 225 25.48 36.69 -53.19
N VAL A 226 25.39 35.51 -52.62
CA VAL A 226 26.14 35.17 -51.42
C VAL A 226 27.21 34.09 -51.68
N ASN A 227 28.47 34.43 -51.45
CA ASN A 227 29.58 33.48 -51.60
C ASN A 227 30.29 33.21 -50.29
N ASN A 228 30.09 34.08 -49.30
CA ASN A 228 30.75 33.87 -47.99
C ASN A 228 29.81 34.33 -46.88
N ARG A 229 30.17 34.06 -45.65
CA ARG A 229 29.31 34.40 -44.52
C ARG A 229 29.10 35.91 -44.29
N LEU A 230 30.10 36.71 -44.62
CA LEU A 230 29.97 38.14 -44.44
C LEU A 230 28.88 38.67 -45.35
N GLN A 231 28.83 38.16 -46.58
CA GLN A 231 27.78 38.62 -47.50
C GLN A 231 26.38 38.16 -47.02
N LEU A 232 26.31 36.90 -46.55
CA LEU A 232 25.07 36.35 -46.03
C LEU A 232 24.57 37.29 -44.87
N SER A 233 25.51 37.64 -43.99
CA SER A 233 25.25 38.53 -42.84
C SER A 233 24.59 39.81 -43.24
N ARG A 234 25.16 40.48 -44.26
CA ARG A 234 24.61 41.74 -44.71
C ARG A 234 23.17 41.58 -45.23
N LEU A 235 22.91 40.51 -46.00
CA LEU A 235 21.56 40.30 -46.53
C LEU A 235 20.62 40.01 -45.37
N GLU A 236 21.11 39.30 -44.35
CA GLU A 236 20.27 39.03 -43.17
C GLU A 236 19.75 40.39 -42.58
N ARG A 237 20.65 41.37 -42.49
CA ARG A 237 20.32 42.69 -41.91
C ARG A 237 19.35 43.45 -42.77
N VAL A 238 19.59 43.39 -44.06
CA VAL A 238 18.69 44.04 -44.98
C VAL A 238 17.28 43.45 -44.79
N TYR A 239 17.19 42.12 -44.83
CA TYR A 239 15.91 41.43 -44.68
C TYR A 239 15.23 41.84 -43.35
N GLN A 240 15.98 41.77 -42.24
CA GLN A 240 15.39 42.13 -40.95
C GLN A 240 14.94 43.58 -40.92
N SER A 241 15.70 44.43 -41.56
CA SER A 241 15.36 45.86 -41.60
C SER A 241 14.09 46.15 -42.38
N GLU A 242 13.93 45.50 -43.52
CA GLU A 242 12.74 45.68 -44.31
C GLU A 242 11.54 45.07 -43.57
N GLN A 243 11.68 43.87 -43.03
CA GLN A 243 10.56 43.30 -42.27
C GLN A 243 10.16 44.23 -41.09
N ALA A 244 11.18 44.71 -40.34
CA ALA A 244 10.91 45.57 -39.17
C ALA A 244 10.16 46.82 -39.63
N GLU A 245 10.59 47.39 -40.73
CA GLU A 245 9.96 48.59 -41.29
C GLU A 245 8.50 48.32 -41.71
N LYS A 246 8.24 47.22 -42.40
CA LYS A 246 6.84 46.88 -42.72
C LYS A 246 5.98 46.75 -41.43
N LEU A 247 6.52 46.06 -40.43
CA LEU A 247 5.79 45.87 -39.19
C LEU A 247 5.44 47.22 -38.55
N LEU A 248 6.40 48.14 -38.54
CA LEU A 248 6.18 49.46 -37.96
C LEU A 248 5.08 50.16 -38.77
N LEU A 249 5.18 50.11 -40.08
CA LEU A 249 4.16 50.74 -40.93
C LEU A 249 2.80 50.07 -40.76
N ALA A 250 2.79 48.77 -40.42
CA ALA A 250 1.57 48.04 -40.16
C ALA A 250 0.99 48.30 -38.74
N GLY A 251 1.66 49.12 -37.93
CA GLY A 251 1.12 49.43 -36.62
C GLY A 251 1.75 48.71 -35.44
N VAL A 252 2.87 48.01 -35.69
CA VAL A 252 3.55 47.32 -34.59
C VAL A 252 4.67 48.22 -34.11
N MET A 253 4.71 48.51 -32.80
CA MET A 253 5.76 49.37 -32.28
C MET A 253 7.00 48.59 -31.87
N LEU A 254 8.08 48.85 -32.55
CA LEU A 254 9.33 48.20 -32.23
C LEU A 254 10.16 49.31 -31.59
N ARG A 255 10.59 49.15 -30.36
CA ARG A 255 11.41 50.18 -29.71
C ARG A 255 12.74 50.43 -30.38
N ASP A 256 13.26 49.42 -31.11
CA ASP A 256 14.47 49.61 -31.92
C ASP A 256 14.44 48.58 -33.08
N PRO A 257 14.01 49.02 -34.29
CA PRO A 257 13.92 48.17 -35.48
C PRO A 257 15.26 47.52 -35.83
N ALA A 258 16.39 48.09 -35.39
CA ALA A 258 17.70 47.50 -35.67
C ALA A 258 17.97 46.38 -34.65
N ARG A 259 17.16 46.30 -33.61
CA ARG A 259 17.36 45.24 -32.62
C ARG A 259 16.09 44.42 -32.43
N PHE A 260 15.66 43.85 -33.57
CA PHE A 260 14.48 43.01 -33.69
C PHE A 260 14.74 41.97 -34.82
N ASP A 261 14.44 40.71 -34.55
CA ASP A 261 14.64 39.68 -35.55
C ASP A 261 13.40 38.83 -35.68
N LEU A 262 12.95 38.68 -36.91
CA LEU A 262 11.78 37.85 -37.16
C LEU A 262 12.20 36.70 -38.11
N ARG A 263 12.02 35.49 -37.64
CA ARG A 263 12.45 34.29 -38.43
C ARG A 263 11.26 33.37 -38.57
N GLY A 264 10.30 33.84 -39.35
CA GLY A 264 9.09 33.08 -39.57
C GLY A 264 7.93 34.02 -39.86
N THR A 265 6.78 33.75 -39.26
CA THR A 265 5.63 34.61 -39.55
C THR A 265 5.09 35.26 -38.26
N LEU A 266 4.72 36.52 -38.34
CA LEU A 266 4.17 37.21 -37.16
C LEU A 266 2.77 37.77 -37.47
N THR A 267 1.76 37.27 -36.80
CA THR A 267 0.38 37.70 -37.01
C THR A 267 0.15 38.60 -35.82
N HIS A 268 -0.58 39.70 -35.98
CA HIS A 268 -0.74 40.59 -34.83
C HIS A 268 -1.99 41.47 -34.85
N GLY A 269 -2.38 41.92 -33.66
CA GLY A 269 -3.52 42.80 -33.47
C GLY A 269 -2.97 44.22 -33.44
N ARG A 270 -3.72 45.13 -32.82
CA ARG A 270 -3.37 46.54 -32.77
C ARG A 270 -2.58 46.92 -31.50
N ASP A 271 -1.83 48.02 -31.57
CA ASP A 271 -1.08 48.49 -30.43
C ASP A 271 -0.13 47.47 -29.74
N VAL A 272 0.45 46.57 -30.50
CA VAL A 272 1.43 45.66 -29.94
C VAL A 272 2.74 46.46 -29.75
N GLU A 273 3.42 46.30 -28.60
CA GLU A 273 4.71 46.97 -28.35
C GLU A 273 5.80 45.92 -28.09
N ILE A 274 6.89 46.05 -28.80
CA ILE A 274 7.95 45.09 -28.68
C ILE A 274 9.24 45.85 -28.38
N ASP A 275 9.82 45.52 -27.24
CA ASP A 275 11.03 46.20 -26.88
C ASP A 275 12.28 45.66 -27.62
N THR A 276 13.46 46.15 -27.23
CA THR A 276 14.72 45.77 -27.89
C THR A 276 15.11 44.29 -27.81
N ASN A 277 15.89 43.83 -28.79
CA ASN A 277 16.41 42.48 -28.80
C ASN A 277 15.39 41.37 -28.61
N VAL A 278 14.25 41.46 -29.25
CA VAL A 278 13.27 40.40 -29.14
C VAL A 278 13.49 39.58 -30.42
N ILE A 279 13.28 38.29 -30.31
CA ILE A 279 13.45 37.42 -31.47
C ILE A 279 12.19 36.58 -31.62
N ILE A 280 11.54 36.66 -32.78
CA ILE A 280 10.31 35.92 -33.07
C ILE A 280 10.64 34.77 -34.06
N GLU A 281 10.37 33.51 -33.66
CA GLU A 281 10.65 32.36 -34.53
C GLU A 281 9.42 31.48 -34.85
N GLY A 282 9.46 30.86 -36.03
CA GLY A 282 8.36 30.01 -36.48
C GLY A 282 7.13 30.88 -36.67
N ASN A 283 5.96 30.35 -36.28
CA ASN A 283 4.69 31.05 -36.47
C ASN A 283 4.17 31.60 -35.12
N VAL A 284 4.08 32.90 -35.03
CA VAL A 284 3.64 33.52 -33.79
C VAL A 284 2.42 34.43 -34.02
N THR A 285 1.47 34.33 -33.11
CA THR A 285 0.29 35.15 -33.19
C THR A 285 0.22 36.01 -31.94
N LEU A 286 0.02 37.30 -32.10
CA LEU A 286 -0.08 38.19 -30.95
C LEU A 286 -1.41 38.94 -31.04
N GLY A 287 -2.16 38.95 -29.94
CA GLY A 287 -3.44 39.65 -29.87
C GLY A 287 -3.23 41.16 -29.77
N HIS A 288 -4.29 41.89 -29.48
CA HIS A 288 -4.17 43.34 -29.36
C HIS A 288 -3.43 43.69 -28.07
N ARG A 289 -2.73 44.82 -28.09
CA ARG A 289 -2.04 45.33 -26.91
C ARG A 289 -1.08 44.36 -26.22
N VAL A 290 -0.53 43.41 -26.95
CA VAL A 290 0.43 42.54 -26.29
C VAL A 290 1.72 43.41 -26.06
N LYS A 291 2.34 43.33 -24.88
CA LYS A 291 3.60 44.08 -24.64
C LYS A 291 4.70 43.07 -24.40
N ILE A 292 5.76 43.20 -25.17
CA ILE A 292 6.86 42.27 -25.05
C ILE A 292 8.14 42.99 -24.57
N GLY A 293 8.61 42.62 -23.39
CA GLY A 293 9.79 43.25 -22.84
C GLY A 293 11.09 42.80 -23.52
N THR A 294 12.17 43.50 -23.19
CA THR A 294 13.41 43.28 -23.84
C THR A 294 13.97 41.88 -23.74
N GLY A 295 14.59 41.45 -24.84
CA GLY A 295 15.27 40.17 -24.93
C GLY A 295 14.44 38.93 -25.00
N CYS A 296 13.11 39.06 -25.14
CA CYS A 296 12.31 37.83 -25.17
C CYS A 296 12.49 37.03 -26.46
N VAL A 297 12.34 35.72 -26.35
CA VAL A 297 12.46 34.84 -27.53
C VAL A 297 11.14 34.12 -27.58
N ILE A 298 10.40 34.24 -28.67
CA ILE A 298 9.08 33.64 -28.78
C ILE A 298 8.97 32.84 -30.05
N LYS A 299 8.67 31.56 -29.87
CA LYS A 299 8.59 30.67 -30.99
C LYS A 299 7.32 29.80 -31.06
N ASN A 300 6.78 29.69 -32.25
CA ASN A 300 5.58 28.86 -32.46
C ASN A 300 4.62 28.95 -31.30
N SER A 301 4.17 30.17 -31.01
CA SER A 301 3.28 30.36 -29.87
C SER A 301 2.15 31.27 -30.20
N VAL A 302 1.16 31.21 -29.32
CA VAL A 302 -0.02 32.06 -29.41
C VAL A 302 -0.13 32.95 -28.16
N ILE A 303 -0.25 34.26 -28.36
CA ILE A 303 -0.33 35.15 -27.23
C ILE A 303 -1.58 36.04 -27.33
N GLY A 304 -2.47 35.88 -26.35
CA GLY A 304 -3.74 36.61 -26.37
C GLY A 304 -3.69 38.09 -26.06
N ASP A 305 -4.81 38.78 -26.22
CA ASP A 305 -4.94 40.20 -25.95
C ASP A 305 -4.43 40.59 -24.58
N ASP A 306 -3.83 41.76 -24.52
CA ASP A 306 -3.35 42.33 -23.28
C ASP A 306 -2.34 41.58 -22.45
N CYS A 307 -1.72 40.56 -23.03
CA CYS A 307 -0.66 39.88 -22.27
C CYS A 307 0.58 40.77 -22.13
N GLU A 308 1.31 40.58 -21.06
CA GLU A 308 2.54 41.31 -20.87
C GLU A 308 3.62 40.29 -20.62
N ILE A 309 4.59 40.25 -21.52
CA ILE A 309 5.69 39.29 -21.38
C ILE A 309 6.87 40.16 -20.87
N SER A 310 7.25 39.98 -19.63
CA SER A 310 8.35 40.72 -19.04
C SER A 310 9.73 40.28 -19.60
N PRO A 311 10.76 41.08 -19.35
CA PRO A 311 12.10 40.79 -19.84
C PRO A 311 12.69 39.38 -19.73
N TYR A 312 13.48 39.02 -20.75
CA TYR A 312 14.19 37.78 -20.74
C TYR A 312 13.34 36.58 -20.44
N THR A 313 12.30 36.42 -21.24
CA THR A 313 11.43 35.27 -21.12
C THR A 313 11.53 34.48 -22.43
N VAL A 314 11.57 33.17 -22.30
CA VAL A 314 11.70 32.27 -23.45
C VAL A 314 10.43 31.46 -23.56
N VAL A 315 9.85 31.50 -24.74
CA VAL A 315 8.61 30.85 -24.99
C VAL A 315 8.60 30.03 -26.28
N GLU A 316 8.19 28.77 -26.18
CA GLU A 316 8.11 27.93 -27.37
C GLU A 316 6.91 27.01 -27.31
N ASP A 317 6.13 26.97 -28.40
CA ASP A 317 4.91 26.14 -28.50
C ASP A 317 4.03 26.27 -27.28
N ALA A 318 3.76 27.50 -26.91
CA ALA A 318 2.95 27.79 -25.74
C ALA A 318 1.67 28.51 -26.21
N ASN A 319 0.66 28.51 -25.36
CA ASN A 319 -0.59 29.18 -25.68
C ASN A 319 -1.04 29.98 -24.45
N LEU A 320 -1.07 31.31 -24.59
CA LEU A 320 -1.51 32.20 -23.51
C LEU A 320 -2.84 32.86 -23.86
N ALA A 321 -3.81 32.72 -22.96
CA ALA A 321 -5.12 33.37 -23.15
C ALA A 321 -4.92 34.87 -22.87
N ALA A 322 -5.99 35.64 -22.89
CA ALA A 322 -5.86 37.06 -22.64
C ALA A 322 -5.39 37.40 -21.23
N ALA A 323 -4.80 38.59 -21.11
CA ALA A 323 -4.41 39.18 -19.84
C ALA A 323 -3.42 38.37 -18.97
N CYS A 324 -2.64 37.52 -19.58
CA CYS A 324 -1.67 36.76 -18.81
C CYS A 324 -0.44 37.63 -18.65
N THR A 325 0.28 37.41 -17.55
CA THR A 325 1.55 38.13 -17.31
C THR A 325 2.59 37.07 -16.99
N ILE A 326 3.71 37.06 -17.69
CA ILE A 326 4.78 36.09 -17.40
C ILE A 326 6.14 36.76 -17.37
N GLY A 327 7.05 36.17 -16.63
CA GLY A 327 8.40 36.71 -16.57
C GLY A 327 8.53 37.75 -15.48
N PRO A 328 9.67 38.40 -15.35
CA PRO A 328 10.83 38.15 -16.22
C PRO A 328 11.47 36.81 -15.86
N PHE A 329 12.39 36.32 -16.72
CA PHE A 329 13.07 35.05 -16.47
C PHE A 329 12.12 33.87 -16.34
N ALA A 330 11.04 33.86 -17.13
CA ALA A 330 10.15 32.71 -17.12
C ALA A 330 10.55 31.86 -18.33
N ARG A 331 10.28 30.56 -18.28
CA ARG A 331 10.65 29.68 -19.40
C ARG A 331 9.50 28.71 -19.71
N LEU A 332 8.78 28.98 -20.79
CA LEU A 332 7.66 28.15 -21.22
C LEU A 332 8.10 27.26 -22.38
N ARG A 333 7.90 25.97 -22.19
CA ARG A 333 8.27 24.95 -23.14
C ARG A 333 7.01 24.37 -23.84
N PRO A 334 7.19 23.49 -24.83
CA PRO A 334 6.03 22.96 -25.54
C PRO A 334 4.93 22.44 -24.68
N GLY A 335 3.69 22.86 -24.99
CA GLY A 335 2.57 22.36 -24.22
C GLY A 335 2.20 23.28 -23.06
N ALA A 336 3.01 24.30 -22.80
CA ALA A 336 2.64 25.20 -21.72
C ALA A 336 1.37 25.96 -22.14
N GLU A 337 0.35 25.95 -21.30
CA GLU A 337 -0.90 26.66 -21.57
C GLU A 337 -1.31 27.49 -20.36
N LEU A 338 -1.63 28.76 -20.57
CA LEU A 338 -2.09 29.65 -19.50
C LEU A 338 -3.52 30.10 -19.83
N LEU A 339 -4.43 30.02 -18.87
CA LEU A 339 -5.79 30.50 -19.14
C LEU A 339 -5.84 31.96 -18.70
N GLU A 340 -6.97 32.59 -18.93
CA GLU A 340 -7.10 34.01 -18.72
C GLU A 340 -6.59 34.53 -17.40
N GLY A 341 -5.84 35.61 -17.49
CA GLY A 341 -5.35 36.22 -16.29
C GLY A 341 -4.28 35.45 -15.51
N ALA A 342 -3.86 34.27 -15.98
CA ALA A 342 -2.85 33.52 -15.24
C ALA A 342 -1.54 34.29 -15.13
N HIS A 343 -0.75 33.93 -14.12
CA HIS A 343 0.55 34.58 -13.89
C HIS A 343 1.69 33.61 -13.60
N VAL A 344 2.79 33.80 -14.31
CA VAL A 344 4.02 33.03 -14.12
C VAL A 344 5.16 34.04 -13.81
N GLY A 345 5.80 33.91 -12.67
CA GLY A 345 6.85 34.85 -12.31
C GLY A 345 8.27 34.44 -12.68
N ASN A 346 9.28 34.97 -11.98
CA ASN A 346 10.66 34.66 -12.32
C ASN A 346 11.18 33.29 -11.92
N PHE A 347 11.99 32.73 -12.81
CA PHE A 347 12.64 31.42 -12.56
C PHE A 347 11.56 30.33 -12.41
N VAL A 348 10.56 30.45 -13.27
CA VAL A 348 9.54 29.46 -13.31
C VAL A 348 9.58 28.81 -14.68
N GLU A 349 9.57 27.47 -14.69
CA GLU A 349 9.54 26.67 -15.91
C GLU A 349 8.23 25.85 -16.02
N MET A 350 7.63 25.82 -17.22
CA MET A 350 6.40 25.05 -17.48
C MET A 350 6.59 24.25 -18.78
N LYS A 351 6.18 22.98 -18.72
CA LYS A 351 6.25 22.03 -19.84
C LYS A 351 5.00 21.14 -19.81
N LYS A 352 4.29 21.04 -20.93
CA LYS A 352 3.06 20.27 -20.99
C LYS A 352 2.29 20.49 -19.69
N ALA A 353 1.98 21.73 -19.41
CA ALA A 353 1.27 22.01 -18.18
C ALA A 353 0.27 23.08 -18.44
N ARG A 354 -0.89 22.99 -17.79
CA ARG A 354 -1.89 24.04 -17.93
C ARG A 354 -2.15 24.77 -16.60
N LEU A 355 -2.06 26.08 -16.60
CA LEU A 355 -2.35 26.89 -15.41
C LEU A 355 -3.69 27.62 -15.64
N GLY A 356 -4.69 27.37 -14.79
CA GLY A 356 -6.01 27.97 -14.99
C GLY A 356 -6.20 29.47 -14.76
N LYS A 357 -7.44 29.91 -14.99
CA LYS A 357 -7.79 31.30 -14.84
C LYS A 357 -7.38 31.93 -13.52
N GLY A 358 -6.70 33.06 -13.62
CA GLY A 358 -6.26 33.76 -12.45
C GLY A 358 -5.32 32.99 -11.56
N SER A 359 -4.76 31.88 -12.05
CA SER A 359 -3.84 31.10 -11.23
C SER A 359 -2.43 31.65 -11.31
N LYS A 360 -1.69 31.48 -10.22
CA LYS A 360 -0.35 32.06 -10.13
C LYS A 360 0.77 31.14 -9.68
N ALA A 361 1.92 31.23 -10.36
CA ALA A 361 3.15 30.47 -10.04
C ALA A 361 4.23 31.58 -10.17
N GLY A 362 4.43 32.26 -9.06
CA GLY A 362 5.28 33.43 -9.02
C GLY A 362 6.76 33.23 -8.93
N HIS A 363 7.23 32.06 -8.54
CA HIS A 363 8.70 31.92 -8.37
C HIS A 363 9.33 30.53 -8.17
N LEU A 364 10.52 30.37 -8.75
CA LEU A 364 11.35 29.19 -8.47
C LEU A 364 10.58 27.90 -8.47
N THR A 365 9.91 27.69 -9.58
CA THR A 365 9.00 26.57 -9.71
C THR A 365 9.08 25.80 -11.00
N TYR A 366 8.78 24.52 -10.88
CA TYR A 366 8.73 23.69 -12.06
C TYR A 366 7.33 23.03 -12.19
N LEU A 367 6.65 23.26 -13.30
CA LEU A 367 5.33 22.61 -13.53
C LEU A 367 5.44 21.83 -14.84
N GLY A 368 5.47 20.50 -14.75
CA GLY A 368 5.57 19.65 -15.95
C GLY A 368 4.49 18.56 -15.96
N ASP A 369 3.80 18.36 -17.08
CA ASP A 369 2.75 17.32 -17.14
C ASP A 369 1.74 17.50 -16.03
N ALA A 370 1.13 18.68 -16.01
CA ALA A 370 0.13 19.01 -15.01
C ALA A 370 -1.06 19.78 -15.51
N GLU A 371 -2.17 19.62 -14.78
CA GLU A 371 -3.40 20.34 -15.10
C GLU A 371 -3.74 21.01 -13.80
N ILE A 372 -3.73 22.34 -13.82
CA ILE A 372 -3.97 23.15 -12.66
C ILE A 372 -5.17 24.04 -12.91
N GLY A 373 -6.10 23.97 -11.96
CA GLY A 373 -7.37 24.67 -12.01
C GLY A 373 -7.31 26.18 -11.86
N ASP A 374 -8.47 26.79 -11.68
CA ASP A 374 -8.57 28.23 -11.56
C ASP A 374 -8.45 28.68 -10.13
N ASN A 375 -8.01 29.92 -9.99
CA ASN A 375 -7.81 30.52 -8.71
C ASN A 375 -6.84 29.74 -7.80
N VAL A 376 -5.80 29.21 -8.41
CA VAL A 376 -4.82 28.47 -7.68
C VAL A 376 -3.55 29.29 -7.41
N ASN A 377 -2.97 29.08 -6.23
CA ASN A 377 -1.72 29.75 -5.88
C ASN A 377 -0.66 28.70 -5.67
N ILE A 378 0.39 28.75 -6.49
CA ILE A 378 1.48 27.80 -6.36
C ILE A 378 2.62 28.53 -5.65
N GLY A 379 2.99 28.09 -4.44
CA GLY A 379 4.05 28.79 -3.74
C GLY A 379 5.41 28.61 -4.36
N ALA A 380 6.34 29.49 -4.02
CA ALA A 380 7.71 29.45 -4.52
C ALA A 380 8.32 28.09 -4.21
N GLY A 381 9.21 27.61 -5.08
CA GLY A 381 9.85 26.32 -4.81
C GLY A 381 9.06 25.02 -5.07
N THR A 382 7.82 25.15 -5.51
CA THR A 382 7.03 23.98 -5.78
C THR A 382 7.51 23.23 -7.03
N ILE A 383 7.50 21.91 -6.95
CA ILE A 383 7.93 21.09 -8.06
C ILE A 383 6.98 19.92 -8.29
N THR A 384 6.52 19.79 -9.53
CA THR A 384 5.73 18.61 -9.90
C THR A 384 6.79 17.55 -10.36
N CYS A 385 6.95 16.46 -9.59
CA CYS A 385 7.90 15.36 -9.90
C CYS A 385 7.18 14.44 -10.87
N ASN A 386 7.28 14.79 -12.13
CA ASN A 386 6.60 14.11 -13.20
C ASN A 386 7.35 12.91 -13.74
N TYR A 387 8.63 12.74 -13.39
CA TYR A 387 9.45 11.67 -13.97
C TYR A 387 10.02 10.75 -12.91
N ASP A 388 9.89 9.42 -13.11
CA ASP A 388 10.44 8.47 -12.11
C ASP A 388 11.73 7.82 -12.61
N GLY A 389 12.26 8.32 -13.72
CA GLY A 389 13.48 7.72 -14.25
C GLY A 389 13.20 6.84 -15.47
N ALA A 390 11.93 6.56 -15.74
CA ALA A 390 11.58 5.76 -16.91
C ALA A 390 10.27 6.26 -17.52
N ASN A 391 9.32 6.68 -16.67
CA ASN A 391 8.02 7.17 -17.15
C ASN A 391 7.70 8.55 -16.64
N LYS A 392 6.73 9.20 -17.28
CA LYS A 392 6.34 10.54 -16.90
C LYS A 392 4.92 10.37 -16.38
N PHE A 393 4.58 11.10 -15.32
CA PHE A 393 3.25 11.02 -14.76
C PHE A 393 2.58 12.41 -14.58
N LYS A 394 1.26 12.41 -14.54
CA LYS A 394 0.51 13.62 -14.44
C LYS A 394 0.13 14.10 -13.02
N THR A 395 0.15 15.42 -12.86
CA THR A 395 -0.24 16.02 -11.63
C THR A 395 -1.51 16.81 -11.90
N ILE A 396 -2.52 16.57 -11.08
CA ILE A 396 -3.77 17.29 -11.19
C ILE A 396 -4.04 18.10 -9.94
N ILE A 397 -4.30 19.40 -10.14
CA ILE A 397 -4.65 20.29 -9.05
C ILE A 397 -5.99 20.98 -9.31
N GLY A 398 -6.98 20.73 -8.48
CA GLY A 398 -8.30 21.31 -8.72
C GLY A 398 -8.34 22.80 -8.46
N ASP A 399 -9.49 23.43 -8.66
CA ASP A 399 -9.62 24.87 -8.42
C ASP A 399 -9.46 25.26 -6.96
N ASP A 400 -9.13 26.52 -6.74
CA ASP A 400 -9.03 27.08 -5.42
C ASP A 400 -8.03 26.45 -4.47
N VAL A 401 -7.01 25.82 -5.04
CA VAL A 401 -6.01 25.22 -4.20
C VAL A 401 -4.87 26.18 -3.87
N PHE A 402 -4.39 26.10 -2.63
CA PHE A 402 -3.26 26.91 -2.19
C PHE A 402 -2.08 25.97 -1.90
N VAL A 403 -1.03 26.04 -2.71
CA VAL A 403 0.11 25.12 -2.51
C VAL A 403 1.22 25.83 -1.77
N GLY A 404 1.52 25.38 -0.55
CA GLY A 404 2.59 25.97 0.22
C GLY A 404 3.94 25.87 -0.48
N SER A 405 4.82 26.79 -0.18
CA SER A 405 6.08 26.83 -0.86
C SER A 405 6.95 25.60 -0.64
N ASP A 406 7.83 25.34 -1.61
CA ASP A 406 8.71 24.19 -1.52
C ASP A 406 8.01 22.86 -1.36
N THR A 407 6.87 22.73 -2.03
CA THR A 407 6.13 21.49 -2.00
C THR A 407 6.57 20.59 -3.15
N GLN A 408 6.76 19.31 -2.87
CA GLN A 408 7.07 18.39 -3.96
C GLN A 408 5.79 17.56 -4.22
N LEU A 409 5.28 17.56 -5.46
CA LEU A 409 4.10 16.74 -5.77
C LEU A 409 4.59 15.51 -6.55
N VAL A 410 4.54 14.33 -5.93
CA VAL A 410 5.00 13.14 -6.65
C VAL A 410 3.91 12.49 -7.52
N ALA A 411 3.90 12.81 -8.81
CA ALA A 411 2.93 12.30 -9.77
C ALA A 411 3.05 10.79 -9.86
N PRO A 412 1.94 10.10 -10.16
CA PRO A 412 0.61 10.68 -10.41
C PRO A 412 -0.12 11.01 -9.11
N VAL A 413 -0.73 12.18 -9.05
CA VAL A 413 -1.42 12.53 -7.85
C VAL A 413 -2.42 13.58 -8.19
N THR A 414 -3.47 13.64 -7.39
CA THR A 414 -4.54 14.61 -7.59
C THR A 414 -4.82 15.39 -6.32
N VAL A 415 -4.83 16.71 -6.41
CA VAL A 415 -5.16 17.55 -5.24
C VAL A 415 -6.58 18.09 -5.40
N GLY A 416 -7.50 17.65 -4.54
CA GLY A 416 -8.88 18.11 -4.66
C GLY A 416 -9.09 19.60 -4.51
N LYS A 417 -10.19 20.06 -5.11
CA LYS A 417 -10.58 21.45 -5.08
C LYS A 417 -10.64 22.04 -3.66
N GLY A 418 -10.16 23.28 -3.50
CA GLY A 418 -10.18 23.95 -2.20
C GLY A 418 -9.15 23.50 -1.16
N ALA A 419 -8.34 22.51 -1.50
CA ALA A 419 -7.32 22.07 -0.59
C ALA A 419 -6.21 23.09 -0.35
N THR A 420 -5.55 22.88 0.77
CA THR A 420 -4.39 23.65 1.11
C THR A 420 -3.23 22.64 1.35
N ILE A 421 -2.05 22.93 0.79
CA ILE A 421 -0.88 22.08 1.03
C ILE A 421 0.11 22.90 1.87
N ALA A 422 0.43 22.38 3.05
CA ALA A 422 1.33 23.09 3.94
C ALA A 422 2.69 23.25 3.27
N ALA A 423 3.40 24.34 3.64
CA ALA A 423 4.75 24.60 3.14
C ALA A 423 5.67 23.38 3.47
N GLY A 424 6.52 23.05 2.52
CA GLY A 424 7.49 21.98 2.73
C GLY A 424 6.92 20.59 2.67
N THR A 425 5.73 20.44 2.12
CA THR A 425 5.15 19.12 2.04
C THR A 425 5.63 18.23 0.86
N THR A 426 5.73 16.93 1.09
CA THR A 426 6.02 16.00 -0.01
C THR A 426 4.66 15.30 -0.22
N VAL A 427 4.00 15.56 -1.35
CA VAL A 427 2.69 14.96 -1.63
C VAL A 427 2.80 13.72 -2.48
N THR A 428 2.58 12.57 -1.85
CA THR A 428 2.64 11.27 -2.53
C THR A 428 1.24 10.65 -2.75
N ARG A 429 0.21 11.24 -2.15
CA ARG A 429 -1.12 10.66 -2.27
C ARG A 429 -2.11 11.73 -2.53
N ASN A 430 -3.26 11.34 -3.11
CA ASN A 430 -4.32 12.31 -3.41
C ASN A 430 -4.72 13.09 -2.17
N VAL A 431 -5.08 14.35 -2.34
CA VAL A 431 -5.48 15.19 -1.23
C VAL A 431 -6.96 15.47 -1.38
N GLY A 432 -7.73 15.26 -0.31
CA GLY A 432 -9.15 15.49 -0.38
C GLY A 432 -9.52 16.96 -0.56
N GLU A 433 -10.75 17.18 -0.97
CA GLU A 433 -11.23 18.54 -1.17
C GLU A 433 -11.34 19.27 0.16
N ASN A 434 -10.96 20.54 0.14
CA ASN A 434 -11.02 21.37 1.31
C ASN A 434 -10.24 20.85 2.48
N ALA A 435 -9.24 20.04 2.20
CA ALA A 435 -8.42 19.47 3.27
C ALA A 435 -7.00 20.04 3.25
N LEU A 436 -6.32 19.99 4.38
CA LEU A 436 -4.95 20.44 4.50
C LEU A 436 -4.03 19.21 4.43
N ALA A 437 -3.12 19.17 3.45
CA ALA A 437 -2.18 18.05 3.36
C ALA A 437 -0.90 18.54 4.00
N ILE A 438 -0.23 17.69 4.75
CA ILE A 438 0.99 18.08 5.45
C ILE A 438 1.89 16.87 5.72
N SER A 439 3.18 17.11 5.86
CA SER A 439 4.15 16.03 6.18
C SER A 439 5.33 16.74 6.82
N ARG A 440 5.08 17.25 8.02
CA ARG A 440 6.00 18.09 8.72
C ARG A 440 6.56 17.62 10.04
N VAL A 441 7.85 17.81 10.20
CA VAL A 441 8.47 17.49 11.48
C VAL A 441 8.33 18.76 12.36
N PRO A 442 7.79 18.63 13.57
CA PRO A 442 7.67 19.85 14.41
C PRO A 442 9.07 20.46 14.60
N GLN A 443 9.13 21.78 14.55
CA GLN A 443 10.38 22.53 14.75
C GLN A 443 10.90 22.35 16.18
N THR A 444 12.17 22.01 16.33
CA THR A 444 12.72 21.91 17.68
C THR A 444 13.95 22.78 17.69
N GLN A 445 14.63 22.84 18.83
CA GLN A 445 15.74 23.74 18.98
C GLN A 445 16.86 23.21 19.89
N LYS A 446 18.11 23.45 19.55
CA LYS A 446 19.23 23.04 20.39
C LYS A 446 19.95 24.33 20.80
N GLU A 447 20.04 24.54 22.10
CA GLU A 447 20.64 25.77 22.67
C GLU A 447 22.14 25.93 22.50
N GLY A 448 22.59 27.19 22.38
CA GLY A 448 24.01 27.48 22.27
C GLY A 448 24.82 26.65 21.29
N TRP A 449 24.33 26.58 20.05
CA TRP A 449 24.97 25.83 19.00
C TRP A 449 26.14 26.61 18.39
N ARG A 450 27.31 26.00 18.42
CA ARG A 450 28.47 26.68 17.88
C ARG A 450 28.81 26.16 16.46
N ARG A 451 28.78 27.06 15.47
CA ARG A 451 29.10 26.66 14.10
C ARG A 451 30.59 26.42 13.97
N PRO A 452 31.02 25.62 12.99
CA PRO A 452 32.44 25.32 12.79
C PRO A 452 33.35 26.56 12.70
N ASN B 3 -24.88 -66.45 44.38
CA ASN B 3 -24.89 -67.15 43.07
C ASN B 3 -25.78 -66.39 42.09
N ASN B 4 -25.86 -65.07 42.26
CA ASN B 4 -26.69 -64.23 41.40
C ASN B 4 -26.05 -62.86 41.16
N ALA B 5 -26.80 -61.98 40.51
CA ALA B 5 -26.31 -60.68 40.18
C ALA B 5 -26.92 -59.56 41.04
N MET B 6 -26.66 -58.32 40.64
CA MET B 6 -27.22 -57.21 41.36
C MET B 6 -27.28 -55.95 40.56
N SER B 7 -28.26 -55.12 40.90
CA SER B 7 -28.42 -53.84 40.26
C SER B 7 -28.22 -52.75 41.32
N VAL B 8 -27.81 -51.58 40.86
CA VAL B 8 -27.61 -50.48 41.78
C VAL B 8 -28.64 -49.39 41.56
N VAL B 9 -29.06 -48.75 42.64
CA VAL B 9 -30.00 -47.61 42.52
C VAL B 9 -29.45 -46.41 43.30
N ILE B 10 -29.32 -45.30 42.61
CA ILE B 10 -28.79 -44.11 43.25
C ILE B 10 -29.91 -43.05 43.41
N LEU B 11 -30.21 -42.65 44.64
CA LEU B 11 -31.25 -41.65 44.91
C LEU B 11 -30.64 -40.25 44.79
N ALA B 12 -31.16 -39.45 43.85
CA ALA B 12 -30.64 -38.12 43.58
C ALA B 12 -31.71 -37.10 43.24
N ALA B 13 -32.96 -37.38 43.61
CA ALA B 13 -34.12 -36.55 43.25
C ALA B 13 -34.35 -35.45 44.18
N GLY B 14 -33.81 -35.60 45.39
CA GLY B 14 -34.03 -34.58 46.40
C GLY B 14 -33.46 -33.20 46.11
N LYS B 15 -34.26 -32.18 46.34
CA LYS B 15 -33.75 -30.82 46.08
C LYS B 15 -32.53 -30.45 46.96
N GLY B 16 -32.62 -30.75 48.25
CA GLY B 16 -31.56 -30.44 49.19
C GLY B 16 -31.73 -29.00 49.67
N THR B 17 -32.92 -28.69 50.16
CA THR B 17 -33.22 -27.33 50.66
C THR B 17 -32.15 -26.74 51.63
N ARG B 18 -31.60 -27.56 52.52
CA ARG B 18 -30.59 -27.08 53.48
C ARG B 18 -29.31 -26.56 52.80
N MET B 19 -29.17 -26.81 51.50
CA MET B 19 -28.05 -26.29 50.71
C MET B 19 -28.27 -24.81 50.27
N TYR B 20 -29.52 -24.34 50.34
CA TYR B 20 -29.92 -22.98 49.89
C TYR B 20 -29.33 -22.68 48.52
N SER B 21 -29.57 -23.56 47.57
CA SER B 21 -28.98 -23.44 46.23
C SER B 21 -30.02 -23.59 45.14
N ASP B 22 -29.76 -23.10 43.93
CA ASP B 22 -30.69 -23.33 42.82
C ASP B 22 -30.15 -24.49 42.03
N LEU B 23 -29.05 -25.07 42.50
CA LEU B 23 -28.45 -26.22 41.84
C LEU B 23 -28.79 -27.46 42.73
N PRO B 24 -29.35 -28.52 42.13
CA PRO B 24 -29.70 -29.73 42.87
C PRO B 24 -28.46 -30.17 43.68
N LYS B 25 -28.71 -30.48 44.95
CA LYS B 25 -27.68 -30.91 45.86
C LYS B 25 -26.65 -31.90 45.28
N VAL B 26 -27.11 -32.96 44.58
CA VAL B 26 -26.14 -33.96 44.13
C VAL B 26 -25.16 -33.51 43.08
N LEU B 27 -25.40 -32.32 42.54
CA LEU B 27 -24.50 -31.81 41.53
C LEU B 27 -23.42 -30.90 42.15
N HIS B 28 -23.55 -30.55 43.42
CA HIS B 28 -22.53 -29.72 44.00
C HIS B 28 -21.27 -30.56 44.01
N THR B 29 -20.16 -29.91 43.73
CA THR B 29 -18.87 -30.58 43.59
C THR B 29 -18.08 -30.75 44.86
N LEU B 30 -17.30 -31.84 44.85
CA LEU B 30 -16.37 -32.17 45.94
C LEU B 30 -15.08 -32.44 45.16
N ALA B 31 -14.01 -31.67 45.45
CA ALA B 31 -12.73 -31.80 44.72
C ALA B 31 -12.96 -31.66 43.22
N GLY B 32 -13.85 -30.76 42.84
CA GLY B 32 -14.07 -30.54 41.43
C GLY B 32 -15.01 -31.53 40.76
N LYS B 33 -15.49 -32.56 41.45
CA LYS B 33 -16.39 -33.50 40.78
C LYS B 33 -17.75 -33.58 41.51
N ALA B 34 -18.84 -33.54 40.74
CA ALA B 34 -20.19 -33.62 41.30
C ALA B 34 -20.32 -34.78 42.25
N MET B 35 -20.91 -34.56 43.42
CA MET B 35 -21.06 -35.68 44.34
C MET B 35 -21.66 -36.93 43.67
N VAL B 36 -22.73 -36.74 42.90
CA VAL B 36 -23.44 -37.87 42.25
C VAL B 36 -22.52 -38.60 41.29
N GLN B 37 -21.63 -37.85 40.65
CA GLN B 37 -20.64 -38.45 39.74
C GLN B 37 -19.63 -39.34 40.54
N HIS B 38 -19.29 -38.93 41.77
CA HIS B 38 -18.38 -39.71 42.60
C HIS B 38 -19.05 -41.05 42.87
N VAL B 39 -20.35 -40.97 43.15
CA VAL B 39 -21.12 -42.16 43.49
C VAL B 39 -21.25 -43.08 42.28
N ILE B 40 -21.50 -42.49 41.13
CA ILE B 40 -21.65 -43.22 39.88
C ILE B 40 -20.35 -43.92 39.51
N ASP B 41 -19.23 -43.26 39.79
CA ASP B 41 -17.93 -43.87 39.49
C ASP B 41 -17.72 -45.15 40.32
N ALA B 42 -18.16 -45.17 41.56
CA ALA B 42 -18.02 -46.38 42.39
C ALA B 42 -18.97 -47.50 41.90
N ALA B 43 -20.21 -47.09 41.62
CA ALA B 43 -21.25 -48.00 41.19
C ALA B 43 -20.86 -48.72 39.91
N ASN B 44 -20.24 -48.00 38.98
CA ASN B 44 -19.83 -48.56 37.68
C ASN B 44 -18.65 -49.55 37.78
N GLU B 45 -18.11 -49.71 38.97
CA GLU B 45 -16.99 -50.60 39.15
C GLU B 45 -17.41 -51.87 39.86
N LEU B 46 -18.72 -52.12 39.97
CA LEU B 46 -19.22 -53.28 40.72
C LEU B 46 -19.77 -54.42 39.88
N GLY B 47 -19.73 -54.25 38.56
CA GLY B 47 -20.27 -55.27 37.67
C GLY B 47 -21.76 -55.44 37.90
N ALA B 48 -22.50 -54.33 37.95
CA ALA B 48 -23.94 -54.39 38.17
C ALA B 48 -24.62 -54.62 36.85
N ALA B 49 -25.78 -55.25 36.90
CA ALA B 49 -26.57 -55.47 35.68
C ALA B 49 -27.12 -54.11 35.20
N HIS B 50 -27.63 -53.34 36.16
CA HIS B 50 -28.15 -52.02 35.84
C HIS B 50 -27.84 -51.03 36.96
N VAL B 51 -27.66 -49.77 36.56
CA VAL B 51 -27.45 -48.71 37.53
C VAL B 51 -28.61 -47.73 37.33
N HIS B 52 -29.50 -47.67 38.32
CA HIS B 52 -30.66 -46.78 38.28
C HIS B 52 -30.37 -45.48 39.02
N LEU B 53 -30.78 -44.38 38.40
CA LEU B 53 -30.60 -43.04 38.97
C LEU B 53 -31.97 -42.41 39.10
N VAL B 54 -32.44 -42.26 40.34
CA VAL B 54 -33.74 -41.66 40.58
C VAL B 54 -33.48 -40.16 40.69
N TYR B 55 -34.13 -39.42 39.78
CA TYR B 55 -33.98 -37.98 39.67
C TYR B 55 -35.33 -37.29 39.84
N GLY B 56 -35.30 -35.98 40.06
CA GLY B 56 -36.51 -35.26 40.31
C GLY B 56 -36.25 -33.78 40.22
N HIS B 57 -35.93 -33.15 41.35
CA HIS B 57 -35.65 -31.71 41.37
C HIS B 57 -34.49 -31.36 40.40
N GLY B 58 -34.75 -30.50 39.40
CA GLY B 58 -33.74 -30.08 38.42
C GLY B 58 -33.23 -31.20 37.53
N GLY B 59 -34.11 -32.14 37.18
CA GLY B 59 -33.68 -33.25 36.37
C GLY B 59 -32.92 -32.83 35.13
N ASP B 60 -33.33 -31.70 34.57
CA ASP B 60 -32.70 -31.24 33.33
C ASP B 60 -31.25 -30.99 33.54
N LEU B 61 -30.92 -30.27 34.61
CA LEU B 61 -29.54 -29.98 34.93
C LEU B 61 -28.81 -31.30 35.11
N LEU B 62 -29.43 -32.25 35.82
CA LEU B 62 -28.76 -33.53 36.03
C LEU B 62 -28.50 -34.23 34.73
N LYS B 63 -29.49 -34.21 33.83
CA LYS B 63 -29.37 -34.87 32.51
C LYS B 63 -28.29 -34.27 31.61
N GLN B 64 -28.10 -32.97 31.71
CA GLN B 64 -27.10 -32.30 30.91
C GLN B 64 -25.73 -32.54 31.51
N ALA B 65 -25.69 -32.66 32.84
CA ALA B 65 -24.42 -32.87 33.52
C ALA B 65 -23.93 -34.29 33.48
N LEU B 66 -24.84 -35.26 33.46
CA LEU B 66 -24.44 -36.65 33.46
C LEU B 66 -24.68 -37.30 32.10
N LYS B 67 -23.63 -37.38 31.29
CA LYS B 67 -23.74 -37.98 29.97
C LYS B 67 -23.56 -39.50 30.00
N ASP B 68 -23.53 -40.10 31.21
CA ASP B 68 -23.40 -41.55 31.38
C ASP B 68 -24.52 -42.23 30.61
N ASP B 69 -24.17 -43.30 29.90
CA ASP B 69 -25.15 -44.02 29.10
C ASP B 69 -25.67 -45.30 29.73
N ASN B 70 -24.94 -45.81 30.71
CA ASN B 70 -25.36 -47.02 31.38
C ASN B 70 -26.47 -46.74 32.42
N LEU B 71 -26.79 -45.46 32.62
CA LEU B 71 -27.77 -45.12 33.65
C LEU B 71 -29.21 -45.28 33.20
N ASN B 72 -30.05 -45.87 34.05
CA ASN B 72 -31.47 -45.98 33.77
C ASN B 72 -32.15 -44.86 34.58
N TRP B 73 -32.55 -43.80 33.89
CA TRP B 73 -33.21 -42.65 34.52
C TRP B 73 -34.63 -42.93 35.02
N VAL B 74 -34.83 -42.87 36.34
CA VAL B 74 -36.16 -43.09 36.92
C VAL B 74 -36.69 -41.83 37.59
N LEU B 75 -37.84 -41.36 37.13
CA LEU B 75 -38.38 -40.14 37.65
C LEU B 75 -39.16 -40.22 38.95
N GLN B 76 -38.84 -39.34 39.88
CA GLN B 76 -39.61 -39.26 41.10
C GLN B 76 -40.11 -37.80 41.03
N ALA B 77 -41.28 -37.59 40.43
CA ALA B 77 -41.89 -36.24 40.23
C ALA B 77 -42.15 -35.48 41.50
N GLU B 78 -42.55 -36.20 42.53
CA GLU B 78 -42.77 -35.61 43.82
C GLU B 78 -41.84 -36.28 44.83
N GLN B 79 -41.07 -35.47 45.55
CA GLN B 79 -40.10 -36.00 46.52
C GLN B 79 -40.75 -36.22 47.86
N LEU B 80 -41.36 -37.39 48.05
CA LEU B 80 -42.03 -37.68 49.31
C LEU B 80 -41.23 -38.57 50.26
N GLY B 81 -39.91 -38.64 50.08
CA GLY B 81 -39.09 -39.48 50.97
C GLY B 81 -38.23 -40.49 50.22
N THR B 82 -37.15 -40.89 50.87
CA THR B 82 -36.24 -41.88 50.27
C THR B 82 -36.98 -43.20 49.94
N GLY B 83 -37.93 -43.58 50.79
CA GLY B 83 -38.70 -44.77 50.61
C GLY B 83 -39.56 -44.66 49.34
N HIS B 84 -40.23 -43.52 49.20
CA HIS B 84 -41.06 -43.27 48.01
C HIS B 84 -40.22 -43.20 46.74
N ALA B 85 -38.99 -42.70 46.87
CA ALA B 85 -38.10 -42.63 45.72
C ALA B 85 -37.78 -44.07 45.25
N MET B 86 -37.48 -44.97 46.20
CA MET B 86 -37.20 -46.36 45.80
C MET B 86 -38.43 -47.00 45.17
N GLN B 87 -39.62 -46.65 45.66
CA GLN B 87 -40.84 -47.21 45.09
C GLN B 87 -40.90 -46.91 43.58
N GLN B 88 -40.32 -45.78 43.16
CA GLN B 88 -40.35 -45.42 41.73
C GLN B 88 -39.45 -46.33 40.88
N ALA B 89 -38.43 -46.88 41.53
CA ALA B 89 -37.47 -47.71 40.84
C ALA B 89 -37.82 -49.20 40.94
N ALA B 90 -38.61 -49.56 41.97
CA ALA B 90 -39.02 -50.94 42.21
C ALA B 90 -39.43 -51.74 40.96
N PRO B 91 -40.22 -51.12 40.06
CA PRO B 91 -40.66 -51.80 38.83
C PRO B 91 -39.50 -52.37 38.02
N PHE B 92 -38.28 -51.88 38.26
CA PHE B 92 -37.14 -52.40 37.52
C PHE B 92 -36.31 -53.41 38.30
N PHE B 93 -36.71 -53.67 39.55
CA PHE B 93 -36.00 -54.62 40.40
C PHE B 93 -36.39 -56.05 40.02
N ALA B 94 -35.36 -56.87 39.79
CA ALA B 94 -35.58 -58.28 39.45
C ALA B 94 -35.73 -59.01 40.75
N ASP B 95 -36.65 -59.96 40.78
CA ASP B 95 -36.92 -60.81 41.95
C ASP B 95 -35.70 -61.64 42.32
N ASP B 96 -34.85 -61.94 41.35
CA ASP B 96 -33.69 -62.79 41.62
C ASP B 96 -32.37 -62.04 41.72
N GLU B 97 -32.43 -60.73 41.83
CA GLU B 97 -31.17 -59.99 41.96
C GLU B 97 -31.08 -59.19 43.25
N ASP B 98 -29.87 -58.94 43.73
CA ASP B 98 -29.68 -58.09 44.90
C ASP B 98 -29.83 -56.63 44.40
N ILE B 99 -30.39 -55.77 45.25
CA ILE B 99 -30.56 -54.38 44.93
C ILE B 99 -29.73 -53.59 45.95
N LEU B 100 -28.72 -52.85 45.45
CA LEU B 100 -27.85 -52.01 46.28
C LEU B 100 -28.32 -50.56 46.19
N MET B 101 -28.63 -49.96 47.33
CA MET B 101 -29.07 -48.55 47.32
C MET B 101 -27.93 -47.62 47.79
N LEU B 102 -27.66 -46.60 46.98
CA LEU B 102 -26.66 -45.56 47.29
C LEU B 102 -27.32 -44.15 47.28
N TYR B 103 -26.78 -43.20 48.06
CA TYR B 103 -27.30 -41.85 48.06
C TYR B 103 -26.35 -40.96 47.30
N GLY B 104 -26.92 -40.09 46.49
CA GLY B 104 -26.14 -39.16 45.68
C GLY B 104 -25.41 -38.11 46.53
N ASP B 105 -25.75 -37.98 47.81
CA ASP B 105 -25.03 -37.03 48.64
C ASP B 105 -24.08 -37.72 49.68
N VAL B 106 -23.65 -38.95 49.39
CA VAL B 106 -22.67 -39.69 50.26
C VAL B 106 -21.64 -40.10 49.18
N PRO B 107 -20.87 -39.11 48.70
CA PRO B 107 -19.87 -39.23 47.64
C PRO B 107 -18.63 -40.09 47.70
N LEU B 108 -17.97 -40.16 48.85
CA LEU B 108 -16.72 -40.87 48.95
C LEU B 108 -16.73 -42.38 49.18
N ILE B 109 -17.91 -42.98 49.09
CA ILE B 109 -18.05 -44.40 49.30
C ILE B 109 -17.07 -45.19 48.39
N SER B 110 -16.26 -46.08 48.96
CA SER B 110 -15.32 -46.87 48.14
C SER B 110 -15.93 -48.15 47.57
N VAL B 111 -15.37 -48.56 46.43
CA VAL B 111 -15.79 -49.77 45.78
C VAL B 111 -15.55 -50.93 46.72
N GLU B 112 -14.41 -50.91 47.41
CA GLU B 112 -14.06 -51.98 48.33
C GLU B 112 -15.12 -52.19 49.41
N THR B 113 -15.49 -51.11 50.12
CA THR B 113 -16.50 -51.21 51.17
C THR B 113 -17.83 -51.77 50.63
N LEU B 114 -18.22 -51.37 49.44
CA LEU B 114 -19.44 -51.85 48.84
C LEU B 114 -19.35 -53.33 48.55
N GLN B 115 -18.19 -53.79 48.05
CA GLN B 115 -17.99 -55.22 47.76
C GLN B 115 -18.17 -56.01 49.05
N ARG B 116 -17.59 -55.52 50.16
CA ARG B 116 -17.71 -56.17 51.45
C ARG B 116 -19.17 -56.17 51.92
N LEU B 117 -19.86 -55.05 51.73
CA LEU B 117 -21.26 -54.92 52.13
C LEU B 117 -22.07 -55.99 51.41
N ARG B 118 -21.89 -56.09 50.12
CA ARG B 118 -22.60 -57.07 49.34
C ARG B 118 -22.37 -58.50 49.88
N ASP B 119 -21.13 -58.79 50.28
CA ASP B 119 -20.79 -60.12 50.79
C ASP B 119 -21.36 -60.37 52.19
N ALA B 120 -21.69 -59.29 52.88
CA ALA B 120 -22.22 -59.44 54.24
C ALA B 120 -23.74 -59.61 54.27
N LYS B 121 -24.36 -59.48 53.12
CA LYS B 121 -25.81 -59.57 53.10
C LYS B 121 -26.28 -60.99 53.40
N PRO B 122 -27.02 -61.17 54.48
CA PRO B 122 -27.51 -62.51 54.82
C PRO B 122 -28.65 -62.93 53.90
N GLN B 123 -28.81 -64.24 53.70
CA GLN B 123 -29.86 -64.75 52.82
C GLN B 123 -31.19 -64.23 53.33
N GLY B 124 -32.01 -63.71 52.40
CA GLY B 124 -33.31 -63.15 52.73
C GLY B 124 -33.25 -62.02 53.75
N GLY B 125 -32.05 -61.47 54.00
CA GLY B 125 -31.90 -60.39 54.95
C GLY B 125 -31.41 -59.07 54.32
N ILE B 126 -30.86 -58.20 55.15
CA ILE B 126 -30.37 -56.93 54.68
C ILE B 126 -28.93 -56.67 55.12
N GLY B 127 -28.13 -56.20 54.20
CA GLY B 127 -26.78 -55.80 54.52
C GLY B 127 -26.87 -54.27 54.74
N LEU B 128 -26.53 -53.79 55.95
CA LEU B 128 -26.64 -52.35 56.26
C LEU B 128 -25.31 -51.72 56.65
N LEU B 129 -24.92 -50.69 55.92
CA LEU B 129 -23.65 -50.01 56.22
C LEU B 129 -23.81 -48.97 57.34
N THR B 130 -23.18 -49.18 58.49
CA THR B 130 -23.30 -48.24 59.60
C THR B 130 -21.94 -47.82 60.14
N VAL B 131 -21.91 -46.78 60.95
CA VAL B 131 -20.64 -46.33 61.53
C VAL B 131 -20.97 -45.48 62.74
N LYS B 132 -19.97 -45.29 63.60
CA LYS B 132 -20.12 -44.48 64.81
C LYS B 132 -19.44 -43.13 64.59
N LEU B 133 -20.13 -42.07 64.96
CA LEU B 133 -19.60 -40.71 64.80
C LEU B 133 -19.68 -40.02 66.14
N ASP B 134 -18.77 -39.08 66.37
CA ASP B 134 -18.75 -38.28 67.60
C ASP B 134 -19.98 -37.37 67.64
N ASP B 135 -20.38 -36.91 66.46
CA ASP B 135 -21.56 -36.06 66.34
C ASP B 135 -22.51 -36.71 65.32
N PRO B 136 -23.53 -37.43 65.82
CA PRO B 136 -24.52 -38.12 64.95
C PRO B 136 -25.71 -37.19 64.57
N THR B 137 -25.66 -35.92 65.00
CA THR B 137 -26.74 -34.99 64.69
C THR B 137 -27.25 -35.03 63.24
N GLY B 138 -28.57 -35.22 63.06
CA GLY B 138 -29.14 -35.25 61.73
C GLY B 138 -29.17 -36.62 61.05
N TYR B 139 -28.42 -37.55 61.58
CA TYR B 139 -28.40 -38.87 60.98
C TYR B 139 -29.40 -39.83 61.61
N GLY B 140 -29.84 -40.82 60.82
CA GLY B 140 -30.71 -41.82 61.38
C GLY B 140 -29.91 -42.67 62.40
N ARG B 141 -30.55 -43.08 63.49
CA ARG B 141 -29.91 -43.89 64.56
C ARG B 141 -30.20 -45.41 64.43
N ILE B 142 -29.17 -46.21 64.66
CA ILE B 142 -29.29 -47.66 64.58
C ILE B 142 -29.74 -48.15 65.95
N THR B 143 -30.86 -48.86 66.00
CA THR B 143 -31.37 -49.37 67.27
C THR B 143 -31.00 -50.83 67.33
N ARG B 144 -30.68 -51.30 68.53
CA ARG B 144 -30.28 -52.69 68.73
C ARG B 144 -30.91 -53.33 69.98
N GLU B 145 -31.04 -54.64 69.95
CA GLU B 145 -31.55 -55.38 71.10
C GLU B 145 -30.78 -56.71 71.13
N ASN B 146 -30.08 -56.97 72.23
CA ASN B 146 -29.25 -58.18 72.40
C ASN B 146 -28.19 -58.13 71.32
N GLY B 147 -27.67 -56.92 71.10
CA GLY B 147 -26.64 -56.74 70.09
C GLY B 147 -27.09 -56.87 68.65
N LYS B 148 -28.34 -57.28 68.43
CA LYS B 148 -28.87 -57.41 67.08
C LYS B 148 -29.52 -56.09 66.61
N VAL B 149 -29.34 -55.77 65.33
CA VAL B 149 -29.94 -54.55 64.74
C VAL B 149 -31.46 -54.71 64.63
N THR B 150 -32.23 -53.79 65.19
CA THR B 150 -33.70 -53.90 65.14
C THR B 150 -34.39 -52.86 64.21
N GLY B 151 -33.71 -51.72 64.01
CA GLY B 151 -34.26 -50.72 63.10
C GLY B 151 -33.43 -49.47 62.99
N ILE B 152 -34.02 -48.47 62.34
CA ILE B 152 -33.37 -47.16 62.23
C ILE B 152 -34.38 -46.09 62.67
N VAL B 153 -33.97 -45.18 63.54
CA VAL B 153 -34.82 -44.07 63.96
C VAL B 153 -34.23 -42.73 63.49
N GLU B 154 -34.96 -42.04 62.59
CA GLU B 154 -34.53 -40.74 62.08
C GLU B 154 -34.38 -39.75 63.23
N HIS B 155 -33.49 -38.78 63.02
CA HIS B 155 -33.16 -37.76 64.01
C HIS B 155 -34.39 -37.03 64.54
N LYS B 156 -35.25 -36.57 63.63
CA LYS B 156 -36.46 -35.85 64.03
C LYS B 156 -37.36 -36.69 64.91
N ASP B 157 -37.53 -37.96 64.56
CA ASP B 157 -38.37 -38.84 65.35
C ASP B 157 -37.70 -39.42 66.61
N ALA B 158 -36.38 -39.27 66.77
CA ALA B 158 -35.68 -39.86 67.93
C ALA B 158 -35.92 -39.12 69.22
N THR B 159 -36.09 -39.89 70.29
CA THR B 159 -36.27 -39.34 71.64
C THR B 159 -34.89 -38.88 72.11
N ASP B 160 -34.88 -38.00 73.11
CA ASP B 160 -33.64 -37.46 73.66
C ASP B 160 -32.68 -38.62 73.96
N GLU B 161 -33.24 -39.71 74.44
CA GLU B 161 -32.41 -40.88 74.77
C GLU B 161 -31.85 -41.54 73.51
N GLN B 162 -32.69 -41.70 72.50
CA GLN B 162 -32.22 -42.31 71.26
C GLN B 162 -31.21 -41.43 70.52
N ARG B 163 -31.31 -40.12 70.73
CA ARG B 163 -30.40 -39.19 70.08
C ARG B 163 -28.99 -39.31 70.63
N GLN B 164 -28.83 -40.11 71.68
CA GLN B 164 -27.51 -40.29 72.25
C GLN B 164 -26.78 -41.45 71.58
N ILE B 165 -27.51 -42.22 70.76
CA ILE B 165 -26.92 -43.34 70.04
C ILE B 165 -25.97 -42.74 69.01
N GLN B 166 -24.75 -43.24 68.95
CA GLN B 166 -23.79 -42.69 68.04
C GLN B 166 -23.59 -43.57 66.83
N GLU B 167 -24.19 -44.76 66.81
CA GLU B 167 -24.05 -45.62 65.62
C GLU B 167 -25.14 -45.13 64.67
N ILE B 168 -24.73 -44.67 63.49
CA ILE B 168 -25.67 -44.13 62.55
C ILE B 168 -25.82 -44.89 61.24
N ASN B 169 -26.92 -44.61 60.55
CA ASN B 169 -27.18 -45.18 59.27
C ASN B 169 -26.42 -44.33 58.24
N THR B 170 -25.59 -44.95 57.40
CA THR B 170 -24.84 -44.21 56.39
C THR B 170 -25.77 -43.98 55.24
N GLY B 171 -26.86 -44.77 55.19
CA GLY B 171 -27.86 -44.62 54.12
C GLY B 171 -27.66 -45.73 53.10
N ILE B 172 -26.50 -46.40 53.15
CA ILE B 172 -26.26 -47.42 52.15
C ILE B 172 -26.67 -48.84 52.63
N LEU B 173 -27.42 -49.56 51.79
CA LEU B 173 -27.89 -50.92 52.19
C LEU B 173 -28.14 -51.78 50.99
N ILE B 174 -28.32 -53.07 51.22
CA ILE B 174 -28.52 -53.98 50.11
C ILE B 174 -29.42 -55.10 50.50
N ALA B 175 -30.30 -55.50 49.59
CA ALA B 175 -31.22 -56.61 49.85
C ALA B 175 -31.70 -57.23 48.54
N ASN B 176 -32.35 -58.39 48.62
CA ASN B 176 -32.88 -59.06 47.41
C ASN B 176 -34.03 -58.21 46.82
N GLY B 177 -34.16 -58.22 45.50
CA GLY B 177 -35.20 -57.48 44.81
C GLY B 177 -36.64 -57.79 45.25
N ALA B 178 -36.96 -59.07 45.45
CA ALA B 178 -38.33 -59.43 45.86
C ALA B 178 -38.61 -58.97 47.28
N ASP B 179 -37.67 -59.23 48.18
CA ASP B 179 -37.84 -58.78 49.57
C ASP B 179 -37.99 -57.23 49.56
N MET B 180 -37.14 -56.53 48.82
CA MET B 180 -37.19 -55.07 48.77
C MET B 180 -38.59 -54.58 48.34
N LYS B 181 -39.14 -55.21 47.31
CA LYS B 181 -40.45 -54.85 46.79
C LYS B 181 -41.52 -55.05 47.84
N ARG B 182 -41.43 -56.14 48.59
CA ARG B 182 -42.40 -56.44 49.63
C ARG B 182 -42.36 -55.41 50.74
N TRP B 183 -41.15 -55.06 51.20
CA TRP B 183 -41.07 -54.06 52.25
C TRP B 183 -41.51 -52.67 51.80
N LEU B 184 -41.22 -52.33 50.55
CA LEU B 184 -41.56 -51.01 50.05
C LEU B 184 -43.06 -50.79 50.08
N ALA B 185 -43.80 -51.86 49.75
CA ALA B 185 -45.26 -51.82 49.70
C ALA B 185 -45.85 -51.67 51.10
N LYS B 186 -45.04 -51.87 52.13
CA LYS B 186 -45.54 -51.74 53.50
C LYS B 186 -45.25 -50.39 54.14
N LEU B 187 -44.58 -49.50 53.43
CA LEU B 187 -44.24 -48.20 54.03
C LEU B 187 -45.44 -47.27 54.25
N THR B 188 -45.41 -46.54 55.36
CA THR B 188 -46.44 -45.54 55.68
C THR B 188 -45.69 -44.22 56.07
N ASN B 189 -46.37 -43.08 56.05
CA ASN B 189 -45.69 -41.84 56.37
C ASN B 189 -46.10 -41.22 57.71
N ASN B 190 -46.32 -42.08 58.70
CA ASN B 190 -46.75 -41.62 60.03
C ASN B 190 -45.52 -41.39 60.87
N ASN B 191 -44.87 -40.25 60.63
CA ASN B 191 -43.66 -39.91 61.32
C ASN B 191 -43.57 -38.40 61.40
N ALA B 192 -42.46 -37.89 61.96
CA ALA B 192 -42.27 -36.49 62.20
C ALA B 192 -42.21 -35.61 60.95
N GLN B 193 -41.96 -36.23 59.80
CA GLN B 193 -41.89 -35.47 58.58
C GLN B 193 -43.01 -35.72 57.58
N GLY B 194 -43.87 -36.69 57.87
CA GLY B 194 -44.94 -37.02 56.95
C GLY B 194 -44.40 -37.64 55.68
N GLU B 195 -43.24 -38.31 55.76
CA GLU B 195 -42.58 -38.89 54.56
C GLU B 195 -42.46 -40.38 54.59
N TYR B 196 -42.18 -40.97 53.44
CA TYR B 196 -41.98 -42.42 53.36
C TYR B 196 -40.47 -42.65 53.48
N TYR B 197 -40.04 -43.10 54.64
CA TYR B 197 -38.65 -43.37 54.97
C TYR B 197 -38.24 -44.77 54.47
N ILE B 198 -37.23 -44.83 53.61
CA ILE B 198 -36.73 -46.14 53.17
C ILE B 198 -36.19 -46.87 54.43
N THR B 199 -35.75 -46.06 55.41
CA THR B 199 -35.15 -46.59 56.62
C THR B 199 -36.12 -47.46 57.47
N ASP B 200 -37.42 -47.40 57.18
CA ASP B 200 -38.37 -48.21 57.92
C ASP B 200 -38.27 -49.70 57.54
N ILE B 201 -37.58 -50.02 56.44
CA ILE B 201 -37.51 -51.42 56.03
C ILE B 201 -36.69 -52.30 56.99
N ILE B 202 -35.81 -51.66 57.75
CA ILE B 202 -34.98 -52.40 58.69
C ILE B 202 -35.90 -53.06 59.72
N ALA B 203 -36.71 -52.23 60.41
CA ALA B 203 -37.63 -52.75 61.43
C ALA B 203 -38.65 -53.68 60.78
N LEU B 204 -39.08 -53.38 59.55
CA LEU B 204 -40.00 -54.29 58.87
C LEU B 204 -39.38 -55.67 58.68
N ALA B 205 -38.11 -55.70 58.24
CA ALA B 205 -37.43 -56.98 57.97
C ALA B 205 -37.24 -57.69 59.30
N TYR B 206 -36.84 -56.94 60.30
CA TYR B 206 -36.64 -57.53 61.58
C TYR B 206 -37.94 -58.20 62.03
N GLN B 207 -39.06 -57.52 61.83
CA GLN B 207 -40.36 -58.03 62.22
C GLN B 207 -40.71 -59.36 61.59
N GLU B 208 -40.29 -59.59 60.34
CA GLU B 208 -40.54 -60.84 59.65
C GLU B 208 -39.55 -61.93 60.14
N GLY B 209 -38.71 -61.58 61.09
CA GLY B 209 -37.73 -62.55 61.54
C GLY B 209 -36.53 -62.67 60.62
N ARG B 210 -36.34 -61.68 59.75
CA ARG B 210 -35.18 -61.70 58.85
C ARG B 210 -33.99 -61.03 59.55
N GLU B 211 -32.81 -61.30 59.06
CA GLU B 211 -31.63 -60.75 59.70
C GLU B 211 -31.04 -59.52 59.00
N ILE B 212 -30.57 -58.57 59.81
CA ILE B 212 -29.92 -57.37 59.29
C ILE B 212 -28.46 -57.38 59.80
N VAL B 213 -27.51 -57.46 58.88
CA VAL B 213 -26.11 -57.47 59.26
C VAL B 213 -25.49 -56.08 59.08
N ALA B 214 -24.92 -55.55 60.14
CA ALA B 214 -24.29 -54.23 60.11
C ALA B 214 -22.86 -54.38 59.66
N VAL B 215 -22.51 -53.63 58.62
CA VAL B 215 -21.15 -53.59 58.09
C VAL B 215 -20.53 -52.19 58.36
N HIS B 216 -19.23 -52.16 58.56
CA HIS B 216 -18.51 -50.90 58.81
C HIS B 216 -17.53 -50.58 57.68
N PRO B 217 -17.33 -49.29 57.41
CA PRO B 217 -16.43 -48.84 56.35
C PRO B 217 -14.96 -48.82 56.83
N GLN B 218 -14.03 -48.56 55.92
CA GLN B 218 -12.60 -48.48 56.22
C GLN B 218 -12.31 -47.12 56.86
N ARG B 219 -13.01 -46.08 56.42
CA ARG B 219 -12.80 -44.72 56.96
C ARG B 219 -14.15 -44.05 57.16
N LEU B 220 -14.26 -43.15 58.14
CA LEU B 220 -15.51 -42.39 58.36
C LEU B 220 -15.85 -41.53 57.14
N SER B 221 -14.85 -40.84 56.61
CA SER B 221 -15.06 -39.97 55.46
C SER B 221 -15.76 -40.61 54.25
N GLU B 222 -15.53 -41.90 54.00
CA GLU B 222 -16.16 -42.51 52.84
C GLU B 222 -17.70 -42.70 53.00
N VAL B 223 -18.22 -42.51 54.20
CA VAL B 223 -19.66 -42.64 54.43
C VAL B 223 -20.34 -41.40 55.00
N GLU B 224 -19.60 -40.30 55.13
CA GLU B 224 -20.23 -39.07 55.64
C GLU B 224 -21.15 -38.47 54.57
N GLY B 225 -22.31 -37.97 54.99
CA GLY B 225 -23.23 -37.36 54.05
C GLY B 225 -23.10 -35.86 54.02
N VAL B 226 -23.69 -35.28 53.00
CA VAL B 226 -23.65 -33.84 52.78
C VAL B 226 -25.07 -33.31 52.64
N ASN B 227 -25.51 -32.57 53.64
CA ASN B 227 -26.85 -31.99 53.62
C ASN B 227 -26.87 -30.49 53.56
N ASN B 228 -25.70 -29.88 53.80
CA ASN B 228 -25.54 -28.42 53.75
C ASN B 228 -24.07 -28.07 53.40
N ARG B 229 -23.78 -26.80 53.11
CA ARG B 229 -22.44 -26.39 52.72
C ARG B 229 -21.38 -26.58 53.81
N LEU B 230 -21.79 -26.50 55.08
CA LEU B 230 -20.80 -26.71 56.14
C LEU B 230 -20.29 -28.14 56.10
N GLN B 231 -21.20 -29.10 55.96
CA GLN B 231 -20.83 -30.51 55.85
C GLN B 231 -20.02 -30.75 54.54
N LEU B 232 -20.40 -30.08 53.46
CA LEU B 232 -19.71 -30.23 52.19
C LEU B 232 -18.25 -29.74 52.33
N SER B 233 -18.08 -28.55 52.87
CA SER B 233 -16.78 -27.96 53.07
C SER B 233 -15.88 -28.81 54.01
N ARG B 234 -16.45 -29.32 55.09
CA ARG B 234 -15.69 -30.15 56.02
C ARG B 234 -15.24 -31.48 55.33
N LEU B 235 -16.12 -32.06 54.52
CA LEU B 235 -15.79 -33.29 53.81
C LEU B 235 -14.68 -32.99 52.79
N GLU B 236 -14.76 -31.84 52.15
CA GLU B 236 -13.76 -31.42 51.18
C GLU B 236 -12.38 -31.40 51.89
N ARG B 237 -12.31 -30.73 53.06
CA ARG B 237 -11.11 -30.64 53.84
C ARG B 237 -10.53 -32.01 54.20
N VAL B 238 -11.37 -32.89 54.72
CA VAL B 238 -10.91 -34.24 55.07
C VAL B 238 -10.40 -34.96 53.81
N TYR B 239 -11.15 -34.85 52.72
CA TYR B 239 -10.73 -35.50 51.49
C TYR B 239 -9.37 -34.94 51.01
N GLN B 240 -9.19 -33.62 51.09
CA GLN B 240 -7.92 -33.01 50.66
C GLN B 240 -6.79 -33.46 51.61
N SER B 241 -7.11 -33.63 52.89
CA SER B 241 -6.12 -34.08 53.85
C SER B 241 -5.67 -35.46 53.51
N GLU B 242 -6.63 -36.30 53.15
CA GLU B 242 -6.31 -37.69 52.79
C GLU B 242 -5.47 -37.75 51.52
N GLN B 243 -5.87 -36.96 50.53
CA GLN B 243 -5.14 -36.89 49.26
C GLN B 243 -3.75 -36.37 49.52
N ALA B 244 -3.62 -35.37 50.41
CA ALA B 244 -2.31 -34.76 50.70
C ALA B 244 -1.39 -35.77 51.43
N GLU B 245 -1.95 -36.55 52.37
CA GLU B 245 -1.19 -37.57 53.04
C GLU B 245 -0.69 -38.65 52.07
N LYS B 246 -1.54 -39.08 51.12
CA LYS B 246 -1.06 -40.11 50.19
C LYS B 246 0.07 -39.57 49.37
N LEU B 247 -0.04 -38.33 48.90
CA LEU B 247 1.02 -37.73 48.08
C LEU B 247 2.35 -37.61 48.85
N LEU B 248 2.29 -37.17 50.10
CA LEU B 248 3.48 -37.04 50.94
C LEU B 248 4.09 -38.42 51.15
N LEU B 249 3.24 -39.39 51.53
CA LEU B 249 3.75 -40.75 51.74
C LEU B 249 4.39 -41.24 50.48
N ALA B 250 3.86 -40.83 49.31
CA ALA B 250 4.42 -41.25 47.98
C ALA B 250 5.66 -40.46 47.54
N GLY B 251 6.09 -39.48 48.32
CA GLY B 251 7.28 -38.75 47.89
C GLY B 251 7.11 -37.32 47.38
N VAL B 252 5.89 -36.81 47.41
CA VAL B 252 5.73 -35.45 46.99
C VAL B 252 5.84 -34.59 48.27
N MET B 253 6.77 -33.64 48.29
CA MET B 253 6.93 -32.78 49.45
C MET B 253 5.92 -31.59 49.45
N LEU B 254 4.92 -31.63 50.33
CA LEU B 254 4.00 -30.51 50.44
C LEU B 254 4.47 -29.72 51.68
N ARG B 255 4.77 -28.46 51.51
CA ARG B 255 5.20 -27.60 52.59
C ARG B 255 4.15 -27.43 53.70
N ASP B 256 2.90 -27.75 53.39
CA ASP B 256 1.85 -27.72 54.43
C ASP B 256 0.65 -28.53 53.91
N PRO B 257 0.46 -29.75 54.42
CA PRO B 257 -0.63 -30.66 54.06
C PRO B 257 -2.00 -29.96 54.17
N ALA B 258 -2.15 -29.03 55.11
CA ALA B 258 -3.44 -28.35 55.30
C ALA B 258 -3.69 -27.21 54.32
N ARG B 259 -2.65 -26.86 53.55
CA ARG B 259 -2.74 -25.79 52.55
C ARG B 259 -2.33 -26.25 51.14
N PHE B 260 -3.05 -27.25 50.67
CA PHE B 260 -2.85 -27.80 49.35
C PHE B 260 -4.16 -28.37 48.84
N ASP B 261 -4.46 -28.14 47.58
CA ASP B 261 -5.72 -28.68 47.09
C ASP B 261 -5.53 -29.37 45.76
N LEU B 262 -6.06 -30.59 45.65
CA LEU B 262 -6.03 -31.33 44.41
C LEU B 262 -7.48 -31.56 43.96
N ARG B 263 -7.84 -31.05 42.77
CA ARG B 263 -9.22 -31.22 42.26
C ARG B 263 -9.05 -31.87 40.91
N GLY B 264 -8.68 -33.14 40.95
CA GLY B 264 -8.42 -33.89 39.73
C GLY B 264 -7.33 -34.92 39.94
N THR B 265 -6.39 -34.97 39.00
CA THR B 265 -5.35 -35.96 39.03
C THR B 265 -3.96 -35.38 38.93
N LEU B 266 -3.05 -35.91 39.72
CA LEU B 266 -1.69 -35.41 39.72
C LEU B 266 -0.72 -36.55 39.45
N THR B 267 -0.04 -36.50 38.30
CA THR B 267 0.99 -37.47 37.94
C THR B 267 2.30 -36.74 38.26
N HIS B 268 3.20 -37.39 38.97
CA HIS B 268 4.46 -36.71 39.36
C HIS B 268 5.70 -37.62 39.35
N GLY B 269 6.88 -37.01 39.22
CA GLY B 269 8.12 -37.73 39.29
C GLY B 269 8.65 -37.63 40.71
N ARG B 270 9.96 -37.78 40.87
CA ARG B 270 10.59 -37.73 42.17
C ARG B 270 11.03 -36.35 42.62
N ASP B 271 11.04 -36.16 43.93
CA ASP B 271 11.50 -34.92 44.50
C ASP B 271 10.79 -33.65 44.02
N VAL B 272 9.50 -33.76 43.84
CA VAL B 272 8.71 -32.58 43.53
C VAL B 272 8.53 -31.83 44.88
N GLU B 273 8.59 -30.52 44.82
CA GLU B 273 8.41 -29.70 45.99
C GLU B 273 7.26 -28.72 45.72
N ILE B 274 6.28 -28.70 46.62
CA ILE B 274 5.15 -27.83 46.43
C ILE B 274 4.95 -27.01 47.71
N ASP B 275 5.08 -25.71 47.60
CA ASP B 275 4.93 -24.84 48.77
C ASP B 275 3.44 -24.65 49.12
N THR B 276 3.18 -23.80 50.10
CA THR B 276 1.84 -23.52 50.59
C THR B 276 0.87 -22.92 49.55
N ASN B 277 -0.42 -23.20 49.78
CA ASN B 277 -1.55 -22.64 49.01
C ASN B 277 -1.49 -22.87 47.51
N VAL B 278 -0.97 -24.02 47.13
CA VAL B 278 -0.92 -24.36 45.71
C VAL B 278 -2.20 -25.12 45.42
N ILE B 279 -2.76 -24.86 44.25
CA ILE B 279 -3.99 -25.56 43.84
C ILE B 279 -3.78 -26.27 42.52
N ILE B 280 -4.09 -27.56 42.49
CA ILE B 280 -3.87 -28.34 41.26
C ILE B 280 -5.26 -28.76 40.77
N GLU B 281 -5.58 -28.42 39.51
CA GLU B 281 -6.87 -28.78 38.95
C GLU B 281 -6.82 -29.54 37.62
N GLY B 282 -7.81 -30.41 37.44
CA GLY B 282 -7.86 -31.16 36.18
C GLY B 282 -6.75 -32.18 36.19
N ASN B 283 -6.19 -32.51 35.02
CA ASN B 283 -5.10 -33.48 34.96
C ASN B 283 -3.76 -32.75 34.84
N VAL B 284 -2.92 -32.93 35.85
CA VAL B 284 -1.64 -32.25 35.82
C VAL B 284 -0.49 -33.24 35.95
N THR B 285 0.55 -33.02 35.14
CA THR B 285 1.71 -33.89 35.16
C THR B 285 2.90 -33.03 35.53
N LEU B 286 3.64 -33.46 36.53
CA LEU B 286 4.83 -32.69 36.97
C LEU B 286 6.00 -33.66 36.87
N GLY B 287 7.06 -33.27 36.17
CA GLY B 287 8.20 -34.18 36.03
C GLY B 287 9.05 -34.25 37.28
N HIS B 288 10.27 -34.77 37.20
CA HIS B 288 11.15 -34.86 38.37
C HIS B 288 11.68 -33.50 38.82
N ARG B 289 11.79 -33.36 40.13
CA ARG B 289 12.39 -32.17 40.72
C ARG B 289 11.73 -30.85 40.35
N VAL B 290 10.45 -30.91 40.00
CA VAL B 290 9.72 -29.67 39.74
C VAL B 290 9.51 -28.93 41.10
N LYS B 291 9.73 -27.63 41.13
CA LYS B 291 9.50 -26.84 42.35
C LYS B 291 8.39 -25.82 42.09
N ILE B 292 7.38 -25.79 42.94
CA ILE B 292 6.27 -24.86 42.79
C ILE B 292 6.21 -23.94 44.00
N GLY B 293 6.35 -22.64 43.77
CA GLY B 293 6.33 -21.70 44.88
C GLY B 293 4.90 -21.52 45.35
N THR B 294 4.76 -20.77 46.44
CA THR B 294 3.49 -20.50 47.08
C THR B 294 2.44 -19.87 46.21
N GLY B 295 1.18 -20.23 46.49
CA GLY B 295 0.03 -19.68 45.79
C GLY B 295 -0.25 -20.00 44.32
N CYS B 296 0.55 -20.87 43.69
CA CYS B 296 0.33 -21.20 42.31
C CYS B 296 -0.92 -22.00 42.05
N VAL B 297 -1.47 -21.79 40.86
CA VAL B 297 -2.67 -22.51 40.45
C VAL B 297 -2.30 -23.15 39.13
N ILE B 298 -2.37 -24.48 39.07
CA ILE B 298 -2.04 -25.21 37.85
C ILE B 298 -3.19 -26.11 37.41
N LYS B 299 -3.69 -25.85 36.22
CA LYS B 299 -4.80 -26.64 35.67
C LYS B 299 -4.47 -27.25 34.29
N ASN B 300 -4.82 -28.52 34.15
CA ASN B 300 -4.60 -29.26 32.91
C ASN B 300 -3.32 -28.91 32.21
N SER B 301 -2.19 -29.14 32.86
CA SER B 301 -0.91 -28.77 32.25
C SER B 301 0.15 -29.81 32.52
N VAL B 302 1.16 -29.78 31.66
CA VAL B 302 2.28 -30.69 31.71
C VAL B 302 3.53 -29.83 31.99
N ILE B 303 4.23 -30.13 33.08
CA ILE B 303 5.43 -29.40 33.50
C ILE B 303 6.62 -30.39 33.48
N GLY B 304 7.62 -30.10 32.66
CA GLY B 304 8.76 -30.99 32.57
C GLY B 304 9.75 -30.98 33.75
N ASP B 305 10.69 -31.92 33.71
CA ASP B 305 11.69 -32.04 34.74
C ASP B 305 12.39 -30.73 35.04
N ASP B 306 12.73 -30.56 36.30
CA ASP B 306 13.48 -29.44 36.78
C ASP B 306 12.88 -28.08 36.59
N CYS B 307 11.62 -27.98 36.20
CA CYS B 307 11.03 -26.65 36.08
C CYS B 307 10.85 -25.94 37.46
N GLU B 308 10.87 -24.61 37.46
CA GLU B 308 10.62 -23.84 38.70
C GLU B 308 9.55 -22.83 38.40
N ILE B 309 8.44 -22.99 39.13
CA ILE B 309 7.27 -22.14 39.00
C ILE B 309 7.30 -21.22 40.24
N SER B 310 7.70 -19.98 40.06
CA SER B 310 7.83 -19.06 41.18
C SER B 310 6.45 -18.72 41.69
N PRO B 311 6.36 -18.10 42.88
CA PRO B 311 5.07 -17.73 43.53
C PRO B 311 3.98 -17.03 42.77
N TYR B 312 2.74 -17.33 43.11
CA TYR B 312 1.62 -16.59 42.49
C TYR B 312 1.60 -16.59 40.96
N THR B 313 1.72 -17.79 40.39
CA THR B 313 1.71 -18.00 38.93
C THR B 313 0.49 -18.85 38.63
N VAL B 314 -0.25 -18.52 37.59
CA VAL B 314 -1.47 -19.22 37.24
C VAL B 314 -1.23 -19.82 35.88
N VAL B 315 -1.52 -21.12 35.80
CA VAL B 315 -1.29 -21.89 34.60
C VAL B 315 -2.46 -22.80 34.21
N GLU B 316 -2.85 -22.70 32.94
CA GLU B 316 -3.91 -23.53 32.45
C GLU B 316 -3.63 -24.00 31.02
N ASP B 317 -3.78 -25.32 30.77
CA ASP B 317 -3.61 -25.91 29.45
C ASP B 317 -2.32 -25.45 28.80
N ALA B 318 -1.25 -25.46 29.59
CA ALA B 318 0.10 -25.10 29.16
C ALA B 318 0.97 -26.33 29.11
N ASN B 319 2.05 -26.16 28.39
CA ASN B 319 3.03 -27.21 28.28
C ASN B 319 4.44 -26.63 28.43
N LEU B 320 5.11 -27.05 29.51
CA LEU B 320 6.48 -26.62 29.76
C LEU B 320 7.46 -27.79 29.62
N ALA B 321 8.46 -27.65 28.76
CA ALA B 321 9.51 -28.67 28.59
C ALA B 321 10.38 -28.61 29.84
N ALA B 322 11.46 -29.39 29.89
CA ALA B 322 12.35 -29.33 31.04
C ALA B 322 13.08 -27.98 31.28
N ALA B 323 13.47 -27.76 32.52
CA ALA B 323 14.28 -26.60 32.91
C ALA B 323 13.74 -25.20 32.64
N CYS B 324 12.42 -25.07 32.51
CA CYS B 324 11.86 -23.76 32.31
C CYS B 324 11.67 -23.08 33.65
N THR B 325 11.63 -21.76 33.62
CA THR B 325 11.40 -20.96 34.83
C THR B 325 10.35 -19.88 34.51
N ILE B 326 9.27 -19.88 35.29
CA ILE B 326 8.24 -18.90 35.08
C ILE B 326 7.82 -18.22 36.38
N GLY B 327 7.34 -17.00 36.26
CA GLY B 327 6.92 -16.25 37.44
C GLY B 327 8.08 -15.50 38.10
N PRO B 328 7.83 -14.91 39.26
CA PRO B 328 6.51 -14.95 39.92
C PRO B 328 5.54 -14.04 39.23
N PHE B 329 4.25 -14.20 39.49
CA PHE B 329 3.24 -13.34 38.89
C PHE B 329 3.19 -13.52 37.36
N ALA B 330 3.38 -14.76 36.89
CA ALA B 330 3.25 -15.07 35.45
C ALA B 330 1.82 -15.65 35.23
N ARG B 331 1.31 -15.51 34.01
CA ARG B 331 -0.07 -15.96 33.75
C ARG B 331 -0.03 -16.69 32.42
N LEU B 332 -0.04 -18.03 32.47
CA LEU B 332 -0.04 -18.78 31.22
C LEU B 332 -1.46 -19.29 30.93
N ARG B 333 -1.94 -18.94 29.75
CA ARG B 333 -3.27 -19.35 29.35
C ARG B 333 -3.22 -20.53 28.37
N PRO B 334 -4.40 -21.04 27.93
CA PRO B 334 -4.43 -22.18 27.02
C PRO B 334 -3.61 -22.03 25.75
N GLY B 335 -2.77 -23.03 25.51
CA GLY B 335 -1.93 -22.97 24.32
C GLY B 335 -0.53 -22.45 24.62
N ALA B 336 -0.29 -22.03 25.86
CA ALA B 336 1.06 -21.54 26.21
C ALA B 336 2.01 -22.73 26.18
N GLU B 337 3.09 -22.58 25.43
CA GLU B 337 4.03 -23.65 25.30
C GLU B 337 5.45 -23.10 25.44
N LEU B 338 6.24 -23.71 26.32
CA LEU B 338 7.64 -23.32 26.51
C LEU B 338 8.57 -24.49 26.17
N LEU B 339 9.61 -24.22 25.39
CA LEU B 339 10.56 -25.26 25.02
C LEU B 339 11.68 -25.24 26.04
N GLU B 340 12.54 -26.24 25.99
CA GLU B 340 13.59 -26.33 27.02
C GLU B 340 14.33 -25.09 27.44
N GLY B 341 14.44 -24.87 28.75
CA GLY B 341 15.17 -23.71 29.27
C GLY B 341 14.52 -22.34 29.09
N ALA B 342 13.30 -22.26 28.54
CA ALA B 342 12.65 -20.97 28.36
C ALA B 342 12.34 -20.30 29.72
N HIS B 343 12.24 -18.98 29.69
CA HIS B 343 11.96 -18.22 30.91
C HIS B 343 10.91 -17.16 30.73
N VAL B 344 10.00 -17.06 31.69
CA VAL B 344 8.92 -16.08 31.68
C VAL B 344 8.95 -15.37 33.06
N GLY B 345 9.16 -14.05 33.07
CA GLY B 345 9.24 -13.31 34.32
C GLY B 345 7.93 -12.78 34.93
N ASN B 346 8.01 -11.68 35.67
CA ASN B 346 6.82 -11.15 36.32
C ASN B 346 5.89 -10.30 35.43
N PHE B 347 4.59 -10.43 35.67
CA PHE B 347 3.60 -9.66 34.92
C PHE B 347 3.69 -9.91 33.42
N VAL B 348 3.92 -11.18 33.08
CA VAL B 348 3.94 -11.59 31.66
C VAL B 348 2.73 -12.50 31.48
N GLU B 349 2.06 -12.39 30.36
CA GLU B 349 0.90 -13.20 30.02
C GLU B 349 1.16 -13.88 28.69
N MET B 350 0.78 -15.15 28.59
CA MET B 350 0.93 -15.95 27.36
C MET B 350 -0.35 -16.70 27.08
N LYS B 351 -0.76 -16.63 25.82
CA LYS B 351 -1.97 -17.33 25.30
C LYS B 351 -1.66 -17.85 23.90
N LYS B 352 -1.90 -19.13 23.62
CA LYS B 352 -1.61 -19.69 22.28
C LYS B 352 -0.28 -19.18 21.76
N ALA B 353 0.78 -19.44 22.53
CA ALA B 353 2.08 -18.94 22.14
C ALA B 353 3.14 -19.88 22.57
N ARG B 354 4.15 -20.01 21.72
CA ARG B 354 5.24 -20.89 22.00
C ARG B 354 6.55 -20.06 22.12
N LEU B 355 7.27 -20.27 23.20
CA LEU B 355 8.51 -19.54 23.44
C LEU B 355 9.58 -20.63 23.30
N GLY B 356 10.50 -20.45 22.33
CA GLY B 356 11.53 -21.44 22.04
C GLY B 356 12.61 -21.72 23.07
N LYS B 357 13.50 -22.65 22.73
CA LYS B 357 14.57 -23.04 23.66
C LYS B 357 15.46 -21.92 24.15
N GLY B 358 15.55 -21.79 25.47
CA GLY B 358 16.40 -20.78 26.04
C GLY B 358 15.93 -19.35 25.78
N SER B 359 14.69 -19.15 25.34
CA SER B 359 14.19 -17.80 25.08
C SER B 359 13.60 -17.21 26.34
N LYS B 360 13.67 -15.89 26.45
CA LYS B 360 13.24 -15.20 27.65
C LYS B 360 12.31 -14.02 27.44
N ALA B 361 11.29 -13.92 28.29
CA ALA B 361 10.34 -12.78 28.28
C ALA B 361 10.21 -12.51 29.80
N GLY B 362 11.09 -11.67 30.30
CA GLY B 362 11.16 -11.39 31.71
C GLY B 362 10.22 -10.40 32.35
N HIS B 363 9.53 -9.53 31.58
CA HIS B 363 8.68 -8.56 32.29
C HIS B 363 7.61 -7.79 31.49
N LEU B 364 6.47 -7.55 32.16
CA LEU B 364 5.42 -6.70 31.64
C LEU B 364 5.21 -6.89 30.16
N THR B 365 4.81 -8.09 29.77
CA THR B 365 4.68 -8.43 28.37
C THR B 365 3.47 -9.26 28.06
N TYR B 366 2.95 -9.14 26.85
CA TYR B 366 1.86 -9.98 26.43
C TYR B 366 2.28 -10.68 25.14
N LEU B 367 2.18 -12.01 25.15
CA LEU B 367 2.49 -12.84 23.98
C LEU B 367 1.25 -13.68 23.65
N GLY B 368 0.57 -13.34 22.58
CA GLY B 368 -0.63 -14.01 22.14
C GLY B 368 -0.55 -14.44 20.68
N ASP B 369 -0.93 -15.69 20.37
CA ASP B 369 -0.91 -16.18 18.98
C ASP B 369 0.40 -15.90 18.35
N ALA B 370 1.44 -16.46 18.96
CA ALA B 370 2.78 -16.25 18.47
C ALA B 370 3.64 -17.50 18.44
N GLU B 371 4.62 -17.48 17.54
CA GLU B 371 5.61 -18.55 17.45
C GLU B 371 6.93 -17.83 17.53
N ILE B 372 7.66 -18.15 18.57
CA ILE B 372 8.94 -17.51 18.82
C ILE B 372 10.03 -18.55 18.91
N GLY B 373 11.10 -18.33 18.12
CA GLY B 373 12.24 -19.25 18.05
C GLY B 373 13.10 -19.36 19.30
N ASP B 374 14.28 -19.96 19.14
CA ASP B 374 15.19 -20.22 20.23
C ASP B 374 16.19 -19.11 20.45
N ASN B 375 16.68 -19.02 21.68
CA ASN B 375 17.65 -18.01 22.00
C ASN B 375 17.12 -16.58 21.69
N VAL B 376 15.84 -16.37 21.94
CA VAL B 376 15.23 -15.09 21.70
C VAL B 376 15.10 -14.32 23.01
N ASN B 377 15.31 -13.02 22.92
CA ASN B 377 15.18 -12.15 24.10
C ASN B 377 14.06 -11.11 23.84
N ILE B 378 13.01 -11.18 24.66
CA ILE B 378 11.86 -10.27 24.57
C ILE B 378 11.96 -9.18 25.63
N GLY B 379 12.34 -7.97 25.24
CA GLY B 379 12.47 -6.90 26.23
C GLY B 379 11.14 -6.61 26.94
N ALA B 380 11.24 -5.98 28.10
CA ALA B 380 10.06 -5.63 28.90
C ALA B 380 9.07 -4.75 28.15
N GLY B 381 7.80 -4.97 28.41
CA GLY B 381 6.75 -4.15 27.81
C GLY B 381 6.40 -4.51 26.39
N THR B 382 6.99 -5.56 25.88
CA THR B 382 6.65 -5.98 24.51
C THR B 382 5.21 -6.54 24.42
N ILE B 383 4.51 -6.23 23.33
CA ILE B 383 3.15 -6.68 23.14
C ILE B 383 2.87 -7.15 21.71
N THR B 384 2.44 -8.38 21.56
CA THR B 384 2.05 -8.87 20.24
C THR B 384 0.58 -8.40 20.04
N CYS B 385 0.31 -7.50 19.10
CA CYS B 385 -1.08 -7.05 18.86
C CYS B 385 -1.70 -8.07 17.91
N ASN B 386 -2.33 -9.08 18.51
CA ASN B 386 -2.92 -10.15 17.75
C ASN B 386 -4.36 -9.89 17.33
N TYR B 387 -4.97 -8.85 17.88
CA TYR B 387 -6.39 -8.60 17.65
C TYR B 387 -6.68 -7.27 17.00
N ASP B 388 -7.43 -7.28 15.91
CA ASP B 388 -7.75 -6.04 15.20
C ASP B 388 -9.18 -5.56 15.45
N GLY B 389 -9.94 -6.29 16.25
CA GLY B 389 -11.29 -5.90 16.55
C GLY B 389 -12.32 -6.91 16.02
N ALA B 390 -11.89 -7.79 15.14
CA ALA B 390 -12.74 -8.83 14.58
C ALA B 390 -11.97 -10.17 14.46
N ASN B 391 -10.74 -10.08 13.95
CA ASN B 391 -9.93 -11.27 13.78
C ASN B 391 -8.61 -11.26 14.60
N LYS B 392 -8.02 -12.44 14.73
CA LYS B 392 -6.78 -12.56 15.45
C LYS B 392 -5.73 -13.01 14.45
N PHE B 393 -4.53 -12.44 14.54
CA PHE B 393 -3.44 -12.76 13.64
C PHE B 393 -2.20 -13.23 14.37
N LYS B 394 -1.34 -13.92 13.65
CA LYS B 394 -0.14 -14.50 14.21
C LYS B 394 1.11 -13.67 14.11
N THR B 395 1.92 -13.72 15.16
CA THR B 395 3.18 -13.04 15.17
C THR B 395 4.23 -14.17 15.14
N ILE B 396 5.21 -14.04 14.27
CA ILE B 396 6.30 -15.00 14.16
C ILE B 396 7.70 -14.35 14.39
N ILE B 397 8.44 -14.90 15.35
CA ILE B 397 9.78 -14.40 15.65
C ILE B 397 10.82 -15.53 15.50
N GLY B 398 11.81 -15.32 14.65
CA GLY B 398 12.80 -16.38 14.44
C GLY B 398 13.84 -16.48 15.53
N ASP B 399 14.74 -17.44 15.37
CA ASP B 399 15.80 -17.64 16.33
C ASP B 399 16.70 -16.43 16.43
N ASP B 400 17.35 -16.28 17.59
CA ASP B 400 18.35 -15.27 17.85
C ASP B 400 17.93 -13.81 17.71
N VAL B 401 16.63 -13.57 17.81
CA VAL B 401 16.10 -12.22 17.72
C VAL B 401 16.16 -11.52 19.05
N PHE B 402 16.57 -10.26 19.02
CA PHE B 402 16.59 -9.47 20.26
C PHE B 402 15.48 -8.40 20.11
N VAL B 403 14.42 -8.48 20.92
CA VAL B 403 13.32 -7.51 20.82
C VAL B 403 13.45 -6.39 21.86
N GLY B 404 13.70 -5.16 21.42
CA GLY B 404 13.81 -4.06 22.37
C GLY B 404 12.55 -3.83 23.19
N SER B 405 12.73 -3.29 24.37
CA SER B 405 11.55 -3.07 25.20
C SER B 405 10.51 -2.14 24.63
N ASP B 406 9.27 -2.36 25.07
CA ASP B 406 8.10 -1.59 24.70
C ASP B 406 7.84 -1.64 23.22
N THR B 407 8.13 -2.78 22.62
CA THR B 407 7.87 -2.94 21.18
C THR B 407 6.42 -3.42 20.94
N GLN B 408 5.78 -2.93 19.90
CA GLN B 408 4.46 -3.41 19.56
C GLN B 408 4.58 -4.13 18.23
N LEU B 409 4.19 -5.40 18.24
CA LEU B 409 4.23 -6.20 17.03
C LEU B 409 2.81 -6.30 16.47
N VAL B 410 2.53 -5.59 15.37
CA VAL B 410 1.18 -5.62 14.78
C VAL B 410 1.04 -6.80 13.82
N ALA B 411 0.52 -7.91 14.33
CA ALA B 411 0.37 -9.12 13.53
C ALA B 411 -0.68 -8.85 12.41
N PRO B 412 -0.60 -9.59 11.30
CA PRO B 412 0.43 -10.63 11.10
C PRO B 412 1.75 -10.04 10.70
N VAL B 413 2.84 -10.59 11.21
CA VAL B 413 4.13 -10.04 10.88
C VAL B 413 5.14 -11.10 11.24
N THR B 414 6.28 -11.05 10.56
CA THR B 414 7.34 -12.02 10.79
C THR B 414 8.65 -11.29 10.96
N VAL B 415 9.40 -11.67 11.99
CA VAL B 415 10.69 -11.10 12.27
C VAL B 415 11.73 -12.17 11.98
N GLY B 416 12.55 -11.93 10.96
CA GLY B 416 13.58 -12.90 10.57
C GLY B 416 14.63 -13.16 11.62
N LYS B 417 15.27 -14.33 11.55
CA LYS B 417 16.28 -14.70 12.52
C LYS B 417 17.44 -13.73 12.61
N GLY B 418 17.97 -13.59 13.82
CA GLY B 418 19.10 -12.71 14.01
C GLY B 418 18.80 -11.22 14.01
N ALA B 419 17.54 -10.87 13.71
CA ALA B 419 17.13 -9.47 13.69
C ALA B 419 17.15 -8.82 15.09
N THR B 420 17.25 -7.49 15.10
CA THR B 420 17.19 -6.74 16.35
C THR B 420 16.12 -5.67 16.20
N ILE B 421 15.27 -5.51 17.21
CA ILE B 421 14.22 -4.48 17.17
C ILE B 421 14.55 -3.41 18.20
N ALA B 422 14.66 -2.16 17.75
CA ALA B 422 14.99 -1.07 18.66
C ALA B 422 13.88 -0.87 19.69
N ALA B 423 14.25 -0.41 20.90
CA ALA B 423 13.28 -0.12 21.96
C ALA B 423 12.22 0.86 21.42
N GLY B 424 10.97 0.58 21.74
CA GLY B 424 9.91 1.48 21.38
C GLY B 424 9.51 1.49 19.95
N THR B 425 9.84 0.40 19.24
CA THR B 425 9.49 0.28 17.84
C THR B 425 8.06 -0.26 17.65
N THR B 426 7.36 0.24 16.66
CA THR B 426 6.03 -0.29 16.29
C THR B 426 6.34 -1.03 15.00
N VAL B 427 6.23 -2.36 15.07
CA VAL B 427 6.51 -3.25 13.92
C VAL B 427 5.26 -3.60 13.15
N THR B 428 5.10 -3.02 11.94
CA THR B 428 3.95 -3.29 11.12
C THR B 428 4.25 -4.14 9.85
N ARG B 429 5.53 -4.38 9.55
CA ARG B 429 5.95 -5.13 8.38
C ARG B 429 7.01 -6.11 8.77
N ASN B 430 7.19 -7.13 7.96
CA ASN B 430 8.22 -8.14 8.21
C ASN B 430 9.62 -7.51 8.38
N VAL B 431 10.45 -8.13 9.22
CA VAL B 431 11.77 -7.62 9.47
C VAL B 431 12.77 -8.59 8.89
N GLY B 432 13.74 -8.07 8.16
CA GLY B 432 14.73 -8.92 7.54
C GLY B 432 15.64 -9.63 8.52
N GLU B 433 16.23 -10.72 8.06
CA GLU B 433 17.16 -11.47 8.92
C GLU B 433 18.36 -10.61 9.18
N ASN B 434 18.91 -10.71 10.39
CA ASN B 434 20.07 -9.91 10.76
C ASN B 434 19.90 -8.41 10.58
N ALA B 435 18.67 -7.95 10.45
CA ALA B 435 18.52 -6.52 10.28
C ALA B 435 17.99 -5.85 11.55
N LEU B 436 18.28 -4.56 11.68
CA LEU B 436 17.74 -3.78 12.78
C LEU B 436 16.40 -3.10 12.35
N ALA B 437 15.29 -3.33 13.05
CA ALA B 437 14.04 -2.62 12.70
C ALA B 437 13.89 -1.47 13.70
N ILE B 438 13.49 -0.30 13.19
CA ILE B 438 13.35 0.84 14.05
C ILE B 438 12.28 1.83 13.55
N SER B 439 11.68 2.55 14.48
CA SER B 439 10.69 3.53 14.10
C SER B 439 10.71 4.60 15.18
N ARG B 440 11.78 5.38 15.24
CA ARG B 440 11.84 6.34 16.29
C ARG B 440 12.14 7.78 15.93
N VAL B 441 11.62 8.66 16.78
CA VAL B 441 11.82 10.08 16.64
C VAL B 441 13.09 10.39 17.42
N PRO B 442 14.00 11.17 16.84
CA PRO B 442 15.24 11.50 17.58
C PRO B 442 14.84 12.30 18.81
N GLN B 443 15.54 12.03 19.89
CA GLN B 443 15.27 12.73 21.14
C GLN B 443 15.64 14.20 20.98
N THR B 444 14.76 15.11 21.36
CA THR B 444 15.11 16.52 21.30
C THR B 444 14.91 17.08 22.70
N GLN B 445 15.26 18.34 22.91
CA GLN B 445 15.20 18.91 24.25
C GLN B 445 14.74 20.35 24.25
N LYS B 446 14.03 20.72 25.28
CA LYS B 446 13.55 22.10 25.40
C LYS B 446 13.98 22.63 26.79
N GLU B 447 14.83 23.67 26.79
CA GLU B 447 15.40 24.23 28.03
C GLU B 447 14.44 24.93 28.96
N GLY B 448 14.80 24.96 30.24
CA GLY B 448 13.98 25.62 31.22
C GLY B 448 12.49 25.29 31.15
N TRP B 449 12.15 24.01 31.20
CA TRP B 449 10.73 23.66 31.15
C TRP B 449 10.15 23.70 32.54
N ARG B 450 9.11 24.50 32.70
CA ARG B 450 8.48 24.63 34.00
C ARG B 450 7.21 23.79 34.08
N ARG B 451 7.20 22.86 35.02
CA ARG B 451 6.05 21.99 35.20
C ARG B 451 4.96 22.82 35.88
N PRO B 452 3.70 22.55 35.60
CA PRO B 452 2.60 23.32 36.23
C PRO B 452 2.45 23.11 37.72
MG MG C . 12.50 21.30 0.48
MG MG D . 13.33 23.46 -2.28
S SO4 E . 4.76 38.70 -3.85
O1 SO4 E . 3.84 37.56 -4.18
O2 SO4 E . 4.59 38.89 -2.37
O3 SO4 E . 6.17 38.26 -4.16
O4 SO4 E . 4.39 39.97 -4.53
N1A ACO F . 1.16 17.39 11.58
C2A ACO F . -0.19 17.63 11.71
N3A ACO F . -0.79 18.72 12.13
C4A ACO F . 0.14 19.73 12.49
C5A ACO F . 1.53 19.67 12.41
C6A ACO F . 2.06 18.38 11.94
N6A ACO F . 3.36 18.12 11.80
N7A ACO F . 2.10 20.90 12.87
C8A ACO F . 1.01 21.69 13.20
N9A ACO F . -0.15 21.00 12.97
C1B ACO F . -1.55 21.34 13.17
C2B ACO F . -1.99 21.13 14.65
O2B ACO F . -2.40 19.76 14.92
C3B ACO F . -3.16 22.12 14.80
O3B ACO F . -4.47 21.57 14.44
P3B ACO F . -5.86 22.34 14.78
O7A ACO F . -6.16 23.34 13.69
O8A ACO F . -5.76 23.07 16.09
O9A ACO F . -7.00 21.37 14.86
C4B ACO F . -2.73 23.25 13.83
O4B ACO F . -1.82 22.67 12.84
C5B ACO F . -2.10 24.48 14.49
O5B ACO F . -2.33 25.67 13.69
P1A ACO F . -1.06 26.48 13.09
O1A ACO F . -0.48 27.43 14.10
O2A ACO F . 0.05 25.53 12.68
O3A ACO F . -1.78 27.22 11.89
P2A ACO F . -1.31 28.42 10.90
O4A ACO F . 0.01 28.97 11.36
O5A ACO F . -2.29 29.52 10.90
O6A ACO F . -1.30 27.63 9.55
CBP ACO F . 0.12 26.30 8.00
CCP ACO F . -0.27 26.62 9.46
CDP ACO F . 0.25 24.79 7.77
CEP ACO F . -0.95 26.80 6.98
CAP ACO F . 1.47 27.02 7.76
OAP ACO F . 2.47 26.47 8.63
C9P ACO F . 1.91 26.96 6.29
O9P ACO F . 2.53 25.98 5.82
N8P ACO F . 1.55 28.02 5.57
C7P ACO F . 1.85 28.16 4.16
C6P ACO F . 2.77 29.31 3.76
C5P ACO F . 3.26 29.11 2.23
O5P ACO F . 4.07 28.20 1.91
N4P ACO F . 2.66 30.02 1.40
C3P ACO F . 2.85 30.11 -0.13
C2P ACO F . 2.85 31.57 -0.56
S1P ACO F . 4.29 32.65 -0.01
C ACO F . 5.54 32.27 -1.24
O ACO F . 5.26 31.40 -2.18
CH3 ACO F . 6.87 32.99 -1.19
C1' UD1 G . 27.16 35.14 -63.98
C2' UD1 G . 26.91 35.74 -65.39
C3' UD1 G . 27.31 37.23 -65.34
C4' UD1 G . 26.49 37.93 -64.29
C5' UD1 G . 26.78 37.24 -62.90
C6' UD1 G . 25.92 37.83 -61.77
C7' UD1 G . 27.34 33.88 -66.93
C8' UD1 G . 28.33 33.31 -67.92
N2' UD1 G . 27.71 35.05 -66.41
O1' UD1 G . 28.56 35.18 -63.69
O3' UD1 G . 27.03 37.76 -66.65
O4' UD1 G . 26.89 39.31 -64.23
O5' UD1 G . 26.44 35.84 -62.99
O6' UD1 G . 26.37 37.25 -60.58
O7' UD1 G . 26.29 33.28 -66.69
N1 UD1 G . 26.18 27.89 -61.43
C2 UD1 G . 25.81 26.56 -61.51
N3 UD1 G . 26.53 25.72 -62.34
C4 UD1 G . 27.60 26.09 -63.09
C5 UD1 G . 28.02 27.52 -63.03
C6 UD1 G . 27.34 28.38 -62.22
O2 UD1 G . 24.86 26.09 -60.89
O4 UD1 G . 28.21 25.29 -63.81
C1B UD1 G . 25.42 28.80 -60.56
C2B UD1 G . 26.11 29.28 -59.27
O2' UD1 G . 25.91 28.30 -58.24
C3B UD1 G . 25.45 30.67 -59.03
C4B UD1 G . 25.08 31.12 -60.46
O4B UD1 G . 25.09 29.97 -61.28
O3B UD1 G . 24.22 30.52 -58.28
C5B UD1 G . 26.11 32.11 -61.10
O5B UD1 G . 27.45 31.60 -61.17
PA UD1 G . 28.72 32.47 -60.83
O1A UD1 G . 29.92 31.52 -61.03
O2A UD1 G . 28.61 32.95 -59.45
O3A UD1 G . 28.67 33.61 -61.75
PB UD1 G . 29.24 33.87 -63.14
O1B UD1 G . 29.00 32.75 -64.06
O2B UD1 G . 30.68 34.26 -62.97
MG MG H . -28.19 -36.68 53.17
MG MG I . 4.22 -0.15 27.76
MG MG J . 5.29 2.62 24.24
S SO4 K . 17.36 -8.54 34.57
O1 SO4 K . 17.12 -9.14 33.27
O2 SO4 K . 16.14 -7.96 35.10
O3 SO4 K . 17.84 -9.58 35.49
O4 SO4 K . 18.39 -7.46 34.37
S SO4 L . -33.61 -31.12 52.67
O1 SO4 L . -34.19 -31.02 51.32
O2 SO4 L . -34.59 -30.70 53.68
O3 SO4 L . -33.20 -32.52 53.10
O4 SO4 L . -32.38 -30.20 52.84
N1A ACO M . 16.17 5.92 12.52
C2A ACO M . 17.09 5.11 11.87
N3A ACO M . 18.33 4.87 12.23
C4A ACO M . 18.70 5.60 13.37
C5A ACO M . 17.90 6.43 14.15
C6A ACO M . 16.55 6.62 13.64
N6A ACO M . 15.65 7.39 14.23
N7A ACO M . 18.66 6.96 15.24
C8A ACO M . 19.90 6.39 15.13
N9A ACO M . 19.94 5.57 14.02
C1B ACO M . 21.01 4.77 13.45
C2B ACO M . 22.03 5.66 12.72
O2B ACO M . 21.72 5.85 11.32
C3B ACO M . 23.37 4.94 12.93
O3B ACO M . 23.79 4.04 11.85
P3B ACO M . 25.33 3.56 11.77
O7A ACO M . 25.58 2.38 12.68
O8A ACO M . 26.25 4.67 12.19
O9A ACO M . 25.66 3.16 10.36
C4B ACO M . 23.13 4.17 14.25
O4B ACO M . 21.68 4.03 14.43
C5B ACO M . 23.78 4.77 15.51
O5B ACO M . 24.22 3.75 16.44
P1A ACO M . 23.91 3.94 18.02
O1A ACO M . 24.90 4.86 18.66
O2A ACO M . 22.59 4.56 18.21
O3A ACO M . 24.00 2.46 18.57
P2A ACO M . 23.45 1.86 19.98
O4A ACO M . 23.03 2.99 20.87
O5A ACO M . 24.50 1.08 20.67
O6A ACO M . 22.30 0.99 19.42
CBP ACO M . 19.81 0.86 19.62
CCP ACO M . 21.05 1.74 19.37
CDP ACO M . 18.76 1.04 18.50
CEP ACO M . 20.17 -0.65 19.66
CAP ACO M . 19.25 1.31 21.00
OAP ACO M . 18.85 2.69 21.00
C9P ACO M . 18.13 0.36 21.53
O9P ACO M . 16.94 0.43 21.14
N8P ACO M . 18.56 -0.54 22.39
C7P ACO M . 17.63 -1.54 22.97
C6P ACO M . 17.55 -1.62 24.49
C5P ACO M . 16.38 -2.54 24.88
O5P ACO M . 15.20 -2.23 24.63
N4P ACO M . 16.77 -3.68 25.48
C3P ACO M . 15.82 -4.77 25.92
C2P ACO M . 16.35 -5.48 27.12
S1P ACO M . 16.41 -4.50 28.70
C ACO M . 14.83 -4.82 29.43
O ACO M . 13.97 -5.57 28.79
CH3 ACO M . 14.49 -4.19 30.79
C1' UD1 N . -30.81 -39.94 55.10
C2' UD1 N . -31.43 -41.12 55.92
C3' UD1 N . -30.70 -41.16 57.26
C4' UD1 N . -29.21 -41.40 57.04
C5' UD1 N . -28.63 -40.24 56.20
C6' UD1 N . -27.15 -40.53 55.90
C7' UD1 N . -33.78 -41.43 55.31
C8' UD1 N . -35.17 -41.37 55.81
N2' UD1 N . -32.89 -40.90 56.15
O1' UD1 N . -31.09 -38.68 55.78
O3' UD1 N . -31.27 -42.23 57.99
O4' UD1 N . -28.51 -41.41 58.29
O5' UD1 N . -29.37 -40.17 54.96
O6' UD1 N . -26.60 -39.60 54.98
O7' UD1 N . -33.51 -41.93 54.21
N1 UD1 N . -33.84 -38.36 47.99
C2 UD1 N . -34.67 -38.67 46.90
N3 UD1 N . -35.98 -38.45 47.03
C4 UD1 N . -36.60 -37.95 48.12
C5 UD1 N . -35.77 -37.61 49.31
C6 UD1 N . -34.44 -37.81 49.24
O2 UD1 N . -34.29 -39.13 45.83
O4 UD1 N . -37.81 -37.79 48.13
C1B UD1 N . -32.36 -38.59 47.91
C2B UD1 N . -31.46 -37.31 48.05
O2' UD1 N . -31.29 -36.72 46.73
C3B UD1 N . -30.15 -37.85 48.72
C4B UD1 N . -30.63 -39.15 49.46
O4B UD1 N . -31.93 -39.50 48.93
O3B UD1 N . -29.27 -38.25 47.71
C5B UD1 N . -30.84 -38.93 50.99
O5B UD1 N . -31.68 -37.78 51.28
PA UD1 N . -31.37 -36.73 52.36
O1A UD1 N . -32.40 -35.65 52.21
O2A UD1 N . -30.09 -36.20 52.13
O3A UD1 N . -31.57 -37.46 53.65
PB UD1 N . -30.96 -37.32 55.04
O1B UD1 N . -31.62 -36.23 55.87
O2B UD1 N . -29.53 -37.07 54.87
#